data_1O29
#
_entry.id   1O29
#
_cell.length_a   54.636
_cell.length_b   116.955
_cell.length_c   141.926
_cell.angle_alpha   90.00
_cell.angle_beta   90.00
_cell.angle_gamma   90.00
#
_symmetry.space_group_name_H-M   'P 21 21 21'
#
loop_
_entity.id
_entity.type
_entity.pdbx_description
1 polymer 'Thymidylate synthase thyX'
2 non-polymer "5-FLUORO-2'-DEOXYURIDINE-5'-MONOPHOSPHATE"
3 non-polymer 'FLAVIN-ADENINE DINUCLEOTIDE'
4 water water
#
_entity_poly.entity_id   1
_entity_poly.type   'polypeptide(L)'
_entity_poly.pdbx_seq_one_letter_code
;MGSDKIHHHHHHMKIDILDKGFVELVDVMGNDLSAVRAARVSFDMGLKDEERDRHLIEYLMKHGHETPFEHIVFTFHVKA
PIFVARQWFRHRIASYNELSGRYSKLSYEFYIPSPERLEGYKTTIPPERVTEKISEIVDKAYRTYLELIESGVPREVARI
VLPLNLYTRFFWTVNARSLMNFLNLRADSHAQWEIQQYALAIARIFKEKCPWTFEAFLKYAYKGDILKEVQV
;
_entity_poly.pdbx_strand_id   A,B,C,D
#
# COMPACT_ATOMS: atom_id res chain seq x y z
N HIS A 12 -11.51 14.18 -21.46
CA HIS A 12 -10.77 15.38 -20.99
C HIS A 12 -11.68 16.46 -20.38
N MET A 13 -11.23 17.02 -19.27
CA MET A 13 -11.95 18.07 -18.57
C MET A 13 -10.90 18.93 -17.85
N LYS A 14 -11.19 20.22 -17.71
CA LYS A 14 -10.27 21.11 -17.02
C LYS A 14 -11.04 22.17 -16.26
N ILE A 15 -10.73 22.27 -14.97
CA ILE A 15 -11.41 23.22 -14.11
C ILE A 15 -10.37 24.10 -13.42
N ASP A 16 -10.52 25.42 -13.55
CA ASP A 16 -9.58 26.35 -12.93
C ASP A 16 -9.89 26.50 -11.44
N ILE A 17 -8.84 26.54 -10.62
CA ILE A 17 -8.98 26.65 -9.17
C ILE A 17 -8.10 27.78 -8.65
N LEU A 18 -8.58 28.48 -7.63
CA LEU A 18 -7.84 29.60 -7.06
C LEU A 18 -7.53 30.59 -8.16
N ASP A 19 -6.49 31.40 -8.01
CA ASP A 19 -6.15 32.39 -9.02
C ASP A 19 -5.39 31.87 -10.24
N LYS A 20 -4.58 30.83 -10.06
CA LYS A 20 -3.79 30.30 -11.17
C LYS A 20 -3.75 28.77 -11.26
N GLY A 21 -4.51 28.09 -10.42
CA GLY A 21 -4.47 26.64 -10.43
C GLY A 21 -5.49 25.99 -11.33
N PHE A 22 -5.48 24.66 -11.33
CA PHE A 22 -6.42 23.89 -12.12
C PHE A 22 -6.34 22.40 -11.82
N VAL A 23 -7.38 21.70 -12.24
CA VAL A 23 -7.49 20.26 -12.11
C VAL A 23 -7.93 19.84 -13.51
N GLU A 24 -7.14 18.98 -14.13
CA GLU A 24 -7.41 18.52 -15.48
C GLU A 24 -7.44 17.00 -15.57
N LEU A 25 -8.52 16.44 -16.09
CA LEU A 25 -8.63 15.00 -16.24
C LEU A 25 -7.78 14.60 -17.44
N VAL A 26 -6.85 13.68 -17.23
CA VAL A 26 -5.98 13.23 -18.29
C VAL A 26 -6.47 11.93 -18.92
N ASP A 27 -6.88 10.99 -18.07
CA ASP A 27 -7.34 9.71 -18.58
C ASP A 27 -8.27 9.06 -17.57
N VAL A 28 -8.96 8.02 -18.01
CA VAL A 28 -9.88 7.28 -17.15
C VAL A 28 -9.98 5.83 -17.61
N MET A 29 -9.99 4.91 -16.66
CA MET A 29 -10.14 3.50 -17.02
C MET A 29 -11.39 3.00 -16.34
N GLY A 30 -12.32 2.52 -17.14
CA GLY A 30 -13.57 1.99 -16.62
C GLY A 30 -14.65 3.03 -16.40
N ASN A 31 -15.75 2.56 -15.81
CA ASN A 31 -16.91 3.39 -15.51
C ASN A 31 -17.68 2.63 -14.46
N ASP A 32 -18.88 3.09 -14.13
CA ASP A 32 -19.69 2.42 -13.11
C ASP A 32 -19.78 0.90 -13.32
N LEU A 33 -19.96 0.47 -14.56
CA LEU A 33 -20.09 -0.95 -14.85
C LEU A 33 -18.83 -1.76 -14.55
N SER A 34 -17.70 -1.09 -14.48
CA SER A 34 -16.44 -1.77 -14.18
C SER A 34 -16.51 -2.32 -12.76
N ALA A 35 -17.16 -1.58 -11.87
CA ALA A 35 -17.32 -2.02 -10.49
C ALA A 35 -18.36 -3.14 -10.45
N VAL A 36 -19.39 -3.04 -11.27
CA VAL A 36 -20.42 -4.09 -11.31
C VAL A 36 -19.79 -5.41 -11.75
N ARG A 37 -19.03 -5.39 -12.85
CA ARG A 37 -18.38 -6.59 -13.36
C ARG A 37 -17.49 -7.23 -12.31
N ALA A 38 -16.63 -6.42 -11.70
CA ALA A 38 -15.71 -6.89 -10.68
C ALA A 38 -16.45 -7.51 -9.51
N ALA A 39 -17.52 -6.86 -9.07
CA ALA A 39 -18.29 -7.38 -7.95
C ALA A 39 -19.04 -8.65 -8.33
N ARG A 40 -19.68 -8.65 -9.50
CA ARG A 40 -20.46 -9.79 -9.95
C ARG A 40 -19.74 -11.14 -9.95
N VAL A 41 -18.43 -11.12 -10.14
CA VAL A 41 -17.65 -12.35 -10.15
C VAL A 41 -17.86 -13.18 -8.88
N SER A 42 -18.15 -12.50 -7.77
CA SER A 42 -18.37 -13.17 -6.49
C SER A 42 -19.41 -14.27 -6.60
N PHE A 43 -20.49 -13.97 -7.34
CA PHE A 43 -21.57 -14.93 -7.53
C PHE A 43 -21.46 -15.62 -8.88
N ASP A 44 -20.25 -15.69 -9.40
CA ASP A 44 -19.97 -16.31 -10.70
C ASP A 44 -20.87 -15.70 -11.76
N MET A 45 -21.23 -14.44 -11.59
CA MET A 45 -22.09 -13.74 -12.53
C MET A 45 -21.35 -12.60 -13.22
N GLY A 46 -22.06 -11.91 -14.11
CA GLY A 46 -21.49 -10.79 -14.83
C GLY A 46 -22.51 -9.68 -14.91
N LEU A 47 -22.42 -8.85 -15.94
CA LEU A 47 -23.35 -7.75 -16.13
C LEU A 47 -24.76 -8.26 -16.40
N LYS A 48 -25.74 -7.41 -16.09
CA LYS A 48 -27.15 -7.72 -16.30
C LYS A 48 -27.83 -6.46 -16.84
N ASP A 49 -29.08 -6.24 -16.44
CA ASP A 49 -29.79 -5.04 -16.91
C ASP A 49 -29.29 -3.80 -16.19
N GLU A 50 -29.79 -2.64 -16.63
CA GLU A 50 -29.38 -1.38 -16.04
C GLU A 50 -29.96 -1.18 -14.64
N GLU A 51 -31.20 -1.60 -14.45
CA GLU A 51 -31.87 -1.45 -13.16
C GLU A 51 -31.25 -2.29 -12.05
N ARG A 52 -30.85 -3.52 -12.37
CA ARG A 52 -30.24 -4.39 -11.37
C ARG A 52 -28.79 -4.01 -11.11
N ASP A 53 -28.10 -3.57 -12.16
CA ASP A 53 -26.70 -3.18 -12.05
C ASP A 53 -26.54 -1.92 -11.20
N ARG A 54 -27.36 -0.91 -11.46
CA ARG A 54 -27.28 0.33 -10.69
C ARG A 54 -27.65 0.07 -9.23
N HIS A 55 -28.60 -0.85 -9.03
CA HIS A 55 -29.05 -1.20 -7.69
C HIS A 55 -27.91 -1.87 -6.93
N LEU A 56 -27.09 -2.63 -7.64
CA LEU A 56 -25.96 -3.31 -7.04
C LEU A 56 -24.97 -2.28 -6.53
N ILE A 57 -24.75 -1.22 -7.31
CA ILE A 57 -23.82 -0.18 -6.91
C ILE A 57 -24.23 0.45 -5.59
N GLU A 58 -25.51 0.78 -5.46
CA GLU A 58 -25.99 1.36 -4.22
C GLU A 58 -25.80 0.36 -3.10
N TYR A 59 -26.09 -0.90 -3.41
CA TYR A 59 -25.96 -1.99 -2.45
C TYR A 59 -24.52 -2.09 -1.93
N LEU A 60 -23.55 -2.07 -2.84
CA LEU A 60 -22.14 -2.14 -2.47
C LEU A 60 -21.77 -0.98 -1.56
N MET A 61 -22.19 0.21 -1.98
CA MET A 61 -21.91 1.42 -1.24
C MET A 61 -22.50 1.36 0.16
N LYS A 62 -23.81 1.09 0.23
CA LYS A 62 -24.53 1.00 1.51
C LYS A 62 -23.84 0.11 2.53
N HIS A 63 -23.47 -1.10 2.11
CA HIS A 63 -22.85 -2.05 3.00
C HIS A 63 -21.32 -1.97 3.14
N GLY A 64 -20.72 -0.99 2.51
CA GLY A 64 -19.28 -0.84 2.62
C GLY A 64 -18.43 -1.82 1.84
N HIS A 65 -18.97 -2.44 0.80
CA HIS A 65 -18.19 -3.35 -0.03
C HIS A 65 -17.50 -2.44 -1.06
N GLU A 66 -16.35 -1.90 -0.68
CA GLU A 66 -15.64 -0.95 -1.52
C GLU A 66 -14.61 -1.45 -2.53
N THR A 67 -14.11 -2.67 -2.36
CA THR A 67 -13.09 -3.16 -3.29
C THR A 67 -13.45 -3.08 -4.78
N PRO A 68 -14.71 -3.39 -5.13
CA PRO A 68 -15.09 -3.33 -6.54
C PRO A 68 -14.77 -1.99 -7.22
N PHE A 69 -14.87 -0.90 -6.46
CA PHE A 69 -14.61 0.42 -7.02
C PHE A 69 -13.14 0.69 -7.31
N GLU A 70 -12.26 -0.17 -6.80
CA GLU A 70 -10.83 -0.01 -7.05
C GLU A 70 -10.51 -0.27 -8.51
N HIS A 71 -11.47 -0.86 -9.22
CA HIS A 71 -11.26 -1.18 -10.62
C HIS A 71 -11.59 0.00 -11.55
N ILE A 72 -11.90 1.14 -10.96
CA ILE A 72 -12.16 2.36 -11.72
C ILE A 72 -10.96 3.24 -11.38
N VAL A 73 -10.25 3.70 -12.40
CA VAL A 73 -9.05 4.49 -12.16
C VAL A 73 -9.02 5.81 -12.93
N PHE A 74 -8.47 6.85 -12.30
CA PHE A 74 -8.37 8.17 -12.92
C PHE A 74 -6.94 8.67 -12.91
N THR A 75 -6.62 9.52 -13.87
CA THR A 75 -5.33 10.18 -13.91
C THR A 75 -5.63 11.67 -14.07
N PHE A 76 -5.22 12.45 -13.08
CA PHE A 76 -5.42 13.90 -13.09
C PHE A 76 -4.09 14.61 -13.28
N HIS A 77 -4.17 15.83 -13.79
CA HIS A 77 -3.01 16.70 -13.98
C HIS A 77 -3.41 17.91 -13.14
N VAL A 78 -2.67 18.15 -12.07
CA VAL A 78 -3.00 19.24 -11.16
C VAL A 78 -1.93 20.31 -11.01
N LYS A 79 -2.39 21.55 -10.88
CA LYS A 79 -1.49 22.69 -10.68
C LYS A 79 -2.02 23.35 -9.42
N ALA A 80 -1.23 23.30 -8.35
CA ALA A 80 -1.66 23.87 -7.08
C ALA A 80 -0.46 24.36 -6.28
N PRO A 81 -0.70 25.23 -5.30
CA PRO A 81 0.43 25.71 -4.50
C PRO A 81 1.00 24.58 -3.65
N ILE A 82 2.27 24.68 -3.29
CA ILE A 82 2.92 23.64 -2.51
C ILE A 82 2.22 23.28 -1.21
N PHE A 83 1.73 24.26 -0.45
CA PHE A 83 1.08 23.93 0.81
C PHE A 83 -0.17 23.07 0.60
N VAL A 84 -0.81 23.20 -0.56
CA VAL A 84 -1.99 22.38 -0.86
C VAL A 84 -1.50 20.98 -1.29
N ALA A 85 -0.45 20.95 -2.12
CA ALA A 85 0.11 19.68 -2.58
C ALA A 85 0.61 18.83 -1.42
N ARG A 86 1.25 19.44 -0.43
CA ARG A 86 1.77 18.70 0.72
C ARG A 86 0.67 17.94 1.45
N GLN A 87 -0.51 18.53 1.53
CA GLN A 87 -1.62 17.87 2.21
C GLN A 87 -2.12 16.75 1.31
N TRP A 88 -2.23 17.05 0.02
CA TRP A 88 -2.69 16.11 -0.99
C TRP A 88 -1.82 14.86 -1.07
N PHE A 89 -0.51 15.06 -1.07
CA PHE A 89 0.43 13.94 -1.16
C PHE A 89 0.44 13.02 0.06
N ARG A 90 -0.31 13.39 1.10
CA ARG A 90 -0.38 12.55 2.28
C ARG A 90 -1.27 11.33 1.96
N HIS A 91 -2.01 11.40 0.87
CA HIS A 91 -2.89 10.29 0.46
C HIS A 91 -2.00 9.28 -0.24
N ARG A 92 -1.53 8.31 0.54
CA ARG A 92 -0.60 7.29 0.09
C ARG A 92 -1.08 6.27 -0.93
N ILE A 93 -2.37 5.97 -0.91
CA ILE A 93 -2.92 5.00 -1.85
C ILE A 93 -3.24 5.70 -3.17
N ALA A 94 -2.18 6.01 -3.90
CA ALA A 94 -2.27 6.68 -5.20
C ALA A 94 -0.86 6.78 -5.76
N SER A 95 -0.74 7.29 -6.98
CA SER A 95 0.56 7.46 -7.64
C SER A 95 0.73 8.93 -8.01
N TYR A 96 1.95 9.44 -7.83
CA TYR A 96 2.24 10.85 -8.12
C TYR A 96 3.57 11.04 -8.87
N ASN A 97 3.63 12.12 -9.62
CA ASN A 97 4.83 12.54 -10.34
C ASN A 97 4.71 14.05 -10.38
N GLU A 98 5.68 14.73 -9.79
CA GLU A 98 5.64 16.17 -9.68
C GLU A 98 6.83 16.92 -10.25
N LEU A 99 6.59 18.19 -10.59
CA LEU A 99 7.60 19.09 -11.11
C LEU A 99 8.69 19.19 -10.05
N SER A 100 9.95 19.15 -10.48
CA SER A 100 11.07 19.20 -9.54
C SER A 100 11.76 20.56 -9.40
N GLY A 101 11.97 20.97 -8.15
CA GLY A 101 12.63 22.23 -7.87
C GLY A 101 14.14 22.13 -7.98
N ARG A 102 14.66 20.91 -7.99
CA ARG A 102 16.10 20.76 -8.12
C ARG A 102 16.49 20.47 -9.55
N TYR A 103 15.50 20.17 -10.39
CA TYR A 103 15.78 19.87 -11.78
C TYR A 103 15.35 20.93 -12.79
N SER A 104 14.40 21.77 -12.40
CA SER A 104 13.95 22.81 -13.33
C SER A 104 13.83 24.19 -12.69
N LYS A 105 13.97 25.22 -13.51
CA LYS A 105 13.85 26.59 -13.05
C LYS A 105 12.37 26.80 -12.73
N LEU A 106 12.07 27.20 -11.49
CA LEU A 106 10.68 27.40 -11.10
C LEU A 106 10.11 28.74 -11.60
N SER A 107 8.90 28.69 -12.15
CA SER A 107 8.22 29.86 -12.69
C SER A 107 7.63 30.79 -11.65
N TYR A 108 7.50 32.06 -12.03
CA TYR A 108 6.95 33.08 -11.15
C TYR A 108 5.42 33.01 -11.09
N GLU A 109 4.91 32.04 -10.35
CA GLU A 109 3.48 31.88 -10.17
C GLU A 109 3.22 31.52 -8.72
N PHE A 110 2.53 32.40 -8.02
CA PHE A 110 2.21 32.17 -6.62
C PHE A 110 0.74 32.37 -6.39
N TYR A 111 0.22 31.68 -5.37
CA TYR A 111 -1.17 31.78 -5.00
C TYR A 111 -1.31 32.99 -4.10
N ILE A 112 -2.02 34.00 -4.60
CA ILE A 112 -2.24 35.21 -3.81
C ILE A 112 -3.71 35.16 -3.43
N PRO A 113 -4.00 35.00 -2.13
CA PRO A 113 -5.39 34.95 -1.67
C PRO A 113 -6.14 36.19 -2.10
N SER A 114 -7.44 36.04 -2.35
CA SER A 114 -8.26 37.18 -2.76
C SER A 114 -8.79 37.84 -1.49
N PRO A 115 -9.23 39.10 -1.57
CA PRO A 115 -9.76 39.83 -0.42
C PRO A 115 -10.83 39.03 0.32
N GLU A 116 -11.66 38.32 -0.44
CA GLU A 116 -12.75 37.52 0.11
C GLU A 116 -12.26 36.40 1.02
N ARG A 117 -11.09 35.84 0.73
CA ARG A 117 -10.55 34.74 1.53
C ARG A 117 -10.64 35.01 3.02
N LEU A 118 -10.42 36.26 3.41
CA LEU A 118 -10.47 36.63 4.82
C LEU A 118 -11.89 36.88 5.33
N GLU A 119 -12.86 36.41 4.56
CA GLU A 119 -14.27 36.56 4.91
C GLU A 119 -14.53 36.03 6.32
N GLY A 120 -15.36 36.73 7.07
CA GLY A 120 -15.66 36.30 8.43
C GLY A 120 -14.55 36.61 9.41
N TYR A 121 -13.43 37.10 8.91
CA TYR A 121 -12.30 37.44 9.76
C TYR A 121 -12.11 38.96 9.78
N LYS A 122 -12.23 39.54 10.97
CA LYS A 122 -12.04 40.98 11.12
C LYS A 122 -10.56 41.19 11.44
N THR A 123 -9.85 41.80 10.50
CA THR A 123 -8.42 42.03 10.68
C THR A 123 -8.01 43.50 10.77
N THR A 124 -6.97 43.74 11.56
CA THR A 124 -6.42 45.09 11.77
C THR A 124 -6.31 45.83 10.44
N ILE A 125 -5.36 45.41 9.62
CA ILE A 125 -5.14 46.04 8.32
C ILE A 125 -6.14 45.52 7.30
N PRO A 126 -6.56 46.38 6.36
CA PRO A 126 -7.51 46.01 5.32
C PRO A 126 -7.07 44.77 4.55
N PRO A 127 -8.03 43.90 4.17
CA PRO A 127 -7.71 42.68 3.42
C PRO A 127 -6.86 43.02 2.20
N GLU A 128 -7.12 44.19 1.63
CA GLU A 128 -6.37 44.64 0.47
C GLU A 128 -4.90 44.71 0.85
N ARG A 129 -4.65 45.10 2.09
CA ARG A 129 -3.28 45.20 2.60
C ARG A 129 -2.65 43.83 2.79
N VAL A 130 -3.46 42.86 3.20
CA VAL A 130 -2.96 41.49 3.38
C VAL A 130 -2.48 41.01 2.02
N THR A 131 -3.29 41.25 1.00
CA THR A 131 -2.96 40.87 -0.36
C THR A 131 -1.64 41.53 -0.76
N GLU A 132 -1.52 42.82 -0.46
CA GLU A 132 -0.32 43.58 -0.79
C GLU A 132 0.91 42.95 -0.15
N LYS A 133 0.86 42.82 1.17
CA LYS A 133 1.97 42.24 1.93
C LYS A 133 2.39 40.86 1.46
N ILE A 134 1.41 40.02 1.10
CA ILE A 134 1.72 38.68 0.64
C ILE A 134 2.48 38.75 -0.69
N SER A 135 2.00 39.57 -1.61
CA SER A 135 2.65 39.71 -2.92
C SER A 135 4.07 40.23 -2.78
N GLU A 136 4.28 41.14 -1.83
CA GLU A 136 5.60 41.73 -1.61
C GLU A 136 6.63 40.70 -1.20
N ILE A 137 6.32 39.94 -0.15
CA ILE A 137 7.26 38.94 0.31
C ILE A 137 7.49 37.94 -0.82
N VAL A 138 6.41 37.61 -1.54
CA VAL A 138 6.50 36.70 -2.67
C VAL A 138 7.49 37.23 -3.70
N ASP A 139 7.34 38.51 -4.06
CA ASP A 139 8.22 39.12 -5.05
C ASP A 139 9.67 39.11 -4.56
N LYS A 140 9.87 39.50 -3.30
CA LYS A 140 11.20 39.56 -2.71
C LYS A 140 11.89 38.20 -2.73
N ALA A 141 11.15 37.16 -2.35
CA ALA A 141 11.71 35.82 -2.32
C ALA A 141 12.11 35.35 -3.71
N TYR A 142 11.22 35.53 -4.67
CA TYR A 142 11.50 35.08 -6.03
C TYR A 142 12.71 35.76 -6.65
N ARG A 143 12.85 37.06 -6.43
CA ARG A 143 13.99 37.80 -6.97
C ARG A 143 15.29 37.26 -6.37
N THR A 144 15.26 36.95 -5.09
CA THR A 144 16.43 36.41 -4.41
C THR A 144 16.75 35.06 -5.05
N TYR A 145 15.71 34.29 -5.31
CA TYR A 145 15.85 32.98 -5.94
C TYR A 145 16.61 33.08 -7.27
N LEU A 146 16.18 33.99 -8.14
CA LEU A 146 16.83 34.18 -9.42
C LEU A 146 18.25 34.69 -9.22
N GLU A 147 18.40 35.62 -8.29
CA GLU A 147 19.70 36.19 -7.99
C GLU A 147 20.69 35.07 -7.69
N LEU A 148 20.32 34.18 -6.79
CA LEU A 148 21.18 33.06 -6.42
C LEU A 148 21.46 32.16 -7.62
N ILE A 149 20.42 31.88 -8.41
CA ILE A 149 20.57 31.02 -9.57
C ILE A 149 21.57 31.62 -10.56
N GLU A 150 21.38 32.88 -10.93
CA GLU A 150 22.30 33.52 -11.86
C GLU A 150 23.66 33.68 -11.19
N SER A 151 23.66 33.56 -9.87
CA SER A 151 24.88 33.66 -9.07
C SER A 151 25.73 32.41 -9.17
N GLY A 152 25.12 31.31 -9.61
CA GLY A 152 25.86 30.06 -9.72
C GLY A 152 25.43 29.04 -8.68
N VAL A 153 24.49 29.43 -7.82
CA VAL A 153 23.99 28.52 -6.78
C VAL A 153 23.09 27.43 -7.37
N PRO A 154 23.29 26.16 -6.94
CA PRO A 154 22.48 25.05 -7.44
C PRO A 154 20.98 25.33 -7.27
N ARG A 155 20.17 24.94 -8.25
CA ARG A 155 18.72 25.14 -8.19
C ARG A 155 18.14 24.57 -6.89
N GLU A 156 18.56 23.36 -6.54
CA GLU A 156 18.07 22.70 -5.33
C GLU A 156 18.30 23.46 -4.04
N VAL A 157 19.28 24.36 -4.04
CA VAL A 157 19.57 25.14 -2.86
C VAL A 157 18.86 26.48 -2.93
N ALA A 158 18.96 27.13 -4.09
CA ALA A 158 18.34 28.42 -4.29
C ALA A 158 16.84 28.43 -4.02
N ARG A 159 16.15 27.36 -4.41
CA ARG A 159 14.70 27.30 -4.24
C ARG A 159 14.21 27.24 -2.79
N ILE A 160 15.10 27.01 -1.84
CA ILE A 160 14.66 26.92 -0.45
C ILE A 160 14.16 28.22 0.15
N VAL A 161 14.38 29.33 -0.55
CA VAL A 161 13.92 30.63 -0.05
C VAL A 161 12.50 30.91 -0.56
N LEU A 162 12.06 30.14 -1.55
CA LEU A 162 10.72 30.33 -2.12
C LEU A 162 9.65 29.92 -1.13
N PRO A 163 8.57 30.71 -1.02
CA PRO A 163 7.44 30.47 -0.10
C PRO A 163 6.53 29.30 -0.47
N LEU A 164 5.77 28.85 0.53
CA LEU A 164 4.86 27.72 0.36
C LEU A 164 3.70 27.94 -0.60
N ASN A 165 3.45 29.18 -1.01
CA ASN A 165 2.35 29.43 -1.95
C ASN A 165 2.82 29.38 -3.40
N LEU A 166 4.01 28.86 -3.62
CA LEU A 166 4.54 28.72 -4.97
C LEU A 166 3.75 27.61 -5.66
N TYR A 167 3.35 27.82 -6.91
CA TYR A 167 2.61 26.79 -7.64
C TYR A 167 3.50 25.66 -8.14
N THR A 168 3.02 24.43 -8.00
CA THR A 168 3.74 23.26 -8.48
C THR A 168 2.76 22.52 -9.37
N ARG A 169 3.22 21.51 -10.08
CA ARG A 169 2.36 20.72 -10.97
C ARG A 169 2.64 19.24 -10.78
N PHE A 170 1.61 18.42 -10.91
CA PHE A 170 1.79 16.98 -10.75
C PHE A 170 0.70 16.13 -11.39
N PHE A 171 1.05 14.89 -11.69
CA PHE A 171 0.12 13.94 -12.25
C PHE A 171 -0.31 13.08 -11.07
N TRP A 172 -1.60 12.74 -11.03
CA TRP A 172 -2.17 11.95 -9.95
C TRP A 172 -3.04 10.83 -10.50
N THR A 173 -2.64 9.59 -10.25
CA THR A 173 -3.42 8.45 -10.68
C THR A 173 -3.94 7.80 -9.41
N VAL A 174 -5.25 7.68 -9.33
CA VAL A 174 -5.92 7.18 -8.15
C VAL A 174 -7.18 6.41 -8.53
N ASN A 175 -7.51 5.35 -7.79
CA ASN A 175 -8.71 4.59 -8.11
C ASN A 175 -9.90 5.17 -7.34
N ALA A 176 -11.12 4.86 -7.78
CA ALA A 176 -12.33 5.41 -7.16
C ALA A 176 -12.47 5.19 -5.66
N ARG A 177 -11.95 4.08 -5.13
CA ARG A 177 -12.05 3.84 -3.70
C ARG A 177 -11.23 4.85 -2.92
N SER A 178 -9.98 5.03 -3.34
CA SER A 178 -9.11 5.98 -2.68
C SER A 178 -9.61 7.39 -2.94
N LEU A 179 -10.17 7.61 -4.14
CA LEU A 179 -10.70 8.93 -4.48
C LEU A 179 -11.84 9.30 -3.52
N MET A 180 -12.68 8.34 -3.17
CA MET A 180 -13.79 8.63 -2.27
C MET A 180 -13.27 8.97 -0.87
N ASN A 181 -12.19 8.30 -0.45
CA ASN A 181 -11.60 8.59 0.84
C ASN A 181 -11.08 10.03 0.81
N PHE A 182 -10.50 10.40 -0.33
CA PHE A 182 -9.97 11.74 -0.53
C PHE A 182 -11.08 12.79 -0.38
N LEU A 183 -12.23 12.52 -0.99
CA LEU A 183 -13.36 13.43 -0.90
C LEU A 183 -13.94 13.50 0.52
N ASN A 184 -14.00 12.36 1.20
CA ASN A 184 -14.51 12.34 2.57
C ASN A 184 -13.70 13.28 3.46
N LEU A 185 -12.39 13.33 3.21
CA LEU A 185 -11.46 14.13 3.98
C LEU A 185 -11.20 15.55 3.50
N ARG A 186 -11.14 15.73 2.18
CA ARG A 186 -10.85 17.05 1.63
C ARG A 186 -12.09 17.85 1.20
N ALA A 187 -13.15 17.18 0.80
CA ALA A 187 -14.38 17.88 0.43
C ALA A 187 -15.12 17.97 1.76
N ASP A 188 -14.56 18.76 2.67
CA ASP A 188 -15.11 18.89 4.00
C ASP A 188 -14.64 20.21 4.64
N SER A 189 -15.53 20.85 5.38
CA SER A 189 -15.22 22.13 6.02
C SER A 189 -14.01 22.08 6.96
N HIS A 190 -13.65 20.89 7.46
CA HIS A 190 -12.51 20.75 8.36
C HIS A 190 -11.19 20.86 7.61
N ALA A 191 -11.19 20.51 6.32
CA ALA A 191 -9.98 20.61 5.52
C ALA A 191 -9.76 22.08 5.20
N GLN A 192 -8.53 22.46 4.90
CA GLN A 192 -8.25 23.87 4.57
C GLN A 192 -9.05 24.26 3.33
N TRP A 193 -9.59 25.48 3.35
CA TRP A 193 -10.40 25.98 2.24
C TRP A 193 -9.79 25.77 0.85
N GLU A 194 -8.50 26.09 0.71
CA GLU A 194 -7.86 25.94 -0.57
C GLU A 194 -7.95 24.52 -1.13
N ILE A 195 -7.66 23.49 -0.34
CA ILE A 195 -7.75 22.14 -0.88
C ILE A 195 -9.21 21.75 -1.08
N GLN A 196 -10.10 22.36 -0.30
CA GLN A 196 -11.52 22.08 -0.47
C GLN A 196 -11.93 22.41 -1.89
N GLN A 197 -11.42 23.53 -2.41
CA GLN A 197 -11.73 23.96 -3.76
C GLN A 197 -11.29 22.93 -4.78
N TYR A 198 -10.10 22.37 -4.57
CA TYR A 198 -9.60 21.34 -5.48
C TYR A 198 -10.46 20.09 -5.37
N ALA A 199 -10.81 19.72 -4.14
CA ALA A 199 -11.66 18.54 -3.92
C ALA A 199 -12.99 18.66 -4.64
N LEU A 200 -13.58 19.86 -4.62
CA LEU A 200 -14.85 20.08 -5.29
C LEU A 200 -14.73 19.84 -6.79
N ALA A 201 -13.57 20.20 -7.35
CA ALA A 201 -13.35 20.00 -8.79
C ALA A 201 -13.16 18.50 -9.05
N ILE A 202 -12.49 17.83 -8.13
CA ILE A 202 -12.26 16.41 -8.28
C ILE A 202 -13.61 15.67 -8.24
N ALA A 203 -14.48 16.08 -7.33
CA ALA A 203 -15.80 15.47 -7.20
C ALA A 203 -16.64 15.70 -8.45
N ARG A 204 -16.55 16.91 -9.01
CA ARG A 204 -17.29 17.24 -10.21
C ARG A 204 -16.91 16.33 -11.38
N ILE A 205 -15.61 16.06 -11.51
CA ILE A 205 -15.11 15.21 -12.58
C ILE A 205 -15.53 13.76 -12.32
N PHE A 206 -15.45 13.35 -11.05
CA PHE A 206 -15.80 12.00 -10.63
C PHE A 206 -17.29 11.77 -10.99
N LYS A 207 -18.13 12.71 -10.59
CA LYS A 207 -19.57 12.66 -10.85
C LYS A 207 -19.84 12.49 -12.34
N GLU A 208 -19.16 13.29 -13.14
CA GLU A 208 -19.31 13.26 -14.59
C GLU A 208 -18.98 11.91 -15.21
N LYS A 209 -17.89 11.30 -14.75
CA LYS A 209 -17.47 10.02 -15.29
C LYS A 209 -18.10 8.78 -14.67
N CYS A 210 -18.51 8.88 -13.40
CA CYS A 210 -19.13 7.75 -12.71
C CYS A 210 -20.37 8.21 -11.95
N PRO A 211 -21.42 8.60 -12.69
CA PRO A 211 -22.68 9.10 -12.14
C PRO A 211 -23.29 8.22 -11.04
N TRP A 212 -23.46 6.93 -11.32
CA TRP A 212 -24.07 6.02 -10.35
C TRP A 212 -23.24 5.89 -9.09
N THR A 213 -21.96 5.59 -9.27
CA THR A 213 -21.05 5.45 -8.14
C THR A 213 -21.09 6.72 -7.31
N PHE A 214 -20.90 7.87 -7.96
CA PHE A 214 -20.91 9.14 -7.24
C PHE A 214 -22.22 9.39 -6.50
N GLU A 215 -23.35 9.15 -7.16
CA GLU A 215 -24.64 9.37 -6.53
C GLU A 215 -24.82 8.46 -5.31
N ALA A 216 -24.41 7.20 -5.45
CA ALA A 216 -24.51 6.25 -4.35
C ALA A 216 -23.60 6.68 -3.21
N PHE A 217 -22.40 7.13 -3.57
CA PHE A 217 -21.42 7.60 -2.59
C PHE A 217 -22.02 8.75 -1.77
N LEU A 218 -22.55 9.76 -2.45
CA LEU A 218 -23.14 10.89 -1.74
C LEU A 218 -24.29 10.50 -0.84
N LYS A 219 -25.12 9.55 -1.27
CA LYS A 219 -26.27 9.14 -0.49
C LYS A 219 -26.01 8.18 0.67
N TYR A 220 -25.04 7.29 0.55
CA TYR A 220 -24.80 6.33 1.62
C TYR A 220 -23.42 6.24 2.25
N ALA A 221 -22.40 6.85 1.65
CA ALA A 221 -21.06 6.72 2.22
C ALA A 221 -20.34 8.04 2.51
N TYR A 222 -20.49 9.02 1.63
CA TYR A 222 -19.83 10.32 1.81
C TYR A 222 -19.95 10.83 3.24
N LYS A 223 -18.80 11.11 3.87
CA LYS A 223 -18.77 11.58 5.26
C LYS A 223 -18.58 13.09 5.43
N GLY A 224 -18.17 13.79 4.36
CA GLY A 224 -17.96 15.22 4.44
C GLY A 224 -19.24 16.03 4.58
N ASP A 225 -19.11 17.35 4.55
CA ASP A 225 -20.29 18.22 4.70
C ASP A 225 -20.44 19.36 3.68
N ILE A 226 -19.72 19.29 2.56
CA ILE A 226 -19.86 20.36 1.57
C ILE A 226 -20.37 19.89 0.21
N LEU A 227 -20.32 18.59 -0.05
CA LEU A 227 -20.81 18.06 -1.32
C LEU A 227 -22.32 17.92 -1.34
N MET B 13 -8.27 -10.29 -26.21
CA MET B 13 -7.11 -11.16 -25.90
C MET B 13 -7.45 -12.13 -24.78
N LYS B 14 -7.53 -13.42 -25.11
CA LYS B 14 -7.87 -14.42 -24.12
C LYS B 14 -6.93 -15.63 -24.30
N ILE B 15 -5.91 -15.69 -23.46
CA ILE B 15 -4.92 -16.75 -23.52
C ILE B 15 -5.23 -17.92 -22.59
N ASP B 16 -5.28 -19.12 -23.15
CA ASP B 16 -5.57 -20.31 -22.37
C ASP B 16 -4.32 -20.78 -21.61
N ILE B 17 -4.49 -21.07 -20.33
CA ILE B 17 -3.40 -21.51 -19.48
C ILE B 17 -3.76 -22.85 -18.84
N LEU B 18 -2.78 -23.75 -18.75
CA LEU B 18 -3.00 -25.07 -18.16
C LEU B 18 -4.12 -25.76 -18.93
N ASP B 19 -4.82 -26.68 -18.27
CA ASP B 19 -5.89 -27.42 -18.94
C ASP B 19 -7.24 -26.72 -19.04
N LYS B 20 -7.54 -25.80 -18.12
CA LYS B 20 -8.84 -25.11 -18.16
C LYS B 20 -8.76 -23.63 -17.77
N GLY B 21 -7.57 -23.16 -17.42
CA GLY B 21 -7.42 -21.78 -17.00
C GLY B 21 -7.20 -20.79 -18.14
N PHE B 22 -7.18 -19.52 -17.80
CA PHE B 22 -6.96 -18.49 -18.81
C PHE B 22 -6.63 -17.14 -18.19
N VAL B 23 -6.15 -16.26 -19.04
CA VAL B 23 -5.82 -14.90 -18.68
C VAL B 23 -6.43 -14.09 -19.81
N GLU B 24 -7.26 -13.11 -19.44
CA GLU B 24 -7.95 -12.28 -20.42
C GLU B 24 -7.81 -10.81 -20.03
N LEU B 25 -7.54 -9.95 -21.00
CA LEU B 25 -7.43 -8.52 -20.73
C LEU B 25 -8.82 -7.93 -20.74
N VAL B 26 -9.20 -7.29 -19.64
CA VAL B 26 -10.52 -6.68 -19.50
C VAL B 26 -10.48 -5.20 -19.87
N ASP B 27 -9.43 -4.52 -19.43
CA ASP B 27 -9.31 -3.10 -19.72
C ASP B 27 -7.88 -2.62 -19.48
N VAL B 28 -7.58 -1.43 -19.98
CA VAL B 28 -6.25 -0.85 -19.84
C VAL B 28 -6.33 0.66 -19.91
N MET B 29 -5.55 1.34 -19.07
CA MET B 29 -5.52 2.80 -19.11
C MET B 29 -4.13 3.24 -19.49
N GLY B 30 -4.05 4.03 -20.57
CA GLY B 30 -2.77 4.53 -21.02
C GLY B 30 -1.92 3.55 -21.78
N ASN B 31 -0.72 4.01 -22.14
CA ASN B 31 0.24 3.20 -22.88
C ASN B 31 1.62 3.76 -22.54
N ASP B 32 2.64 3.37 -23.30
CA ASP B 32 3.99 3.85 -23.05
C ASP B 32 4.06 5.36 -22.86
N LEU B 33 3.25 6.10 -23.62
CA LEU B 33 3.25 7.55 -23.53
C LEU B 33 2.70 8.09 -22.22
N SER B 34 1.85 7.31 -21.57
CA SER B 34 1.30 7.72 -20.28
C SER B 34 2.44 7.91 -19.30
N ALA B 35 3.43 7.02 -19.38
CA ALA B 35 4.59 7.08 -18.50
C ALA B 35 5.48 8.26 -18.88
N VAL B 36 5.56 8.55 -20.18
CA VAL B 36 6.38 9.66 -20.65
C VAL B 36 5.80 10.99 -20.16
N ARG B 37 4.50 11.17 -20.32
CA ARG B 37 3.85 12.41 -19.89
C ARG B 37 4.07 12.62 -18.41
N ALA B 38 3.86 11.55 -17.64
CA ALA B 38 4.04 11.61 -16.20
C ALA B 38 5.45 12.05 -15.84
N ALA B 39 6.45 11.39 -16.42
CA ALA B 39 7.85 11.71 -16.15
C ALA B 39 8.24 13.14 -16.54
N ARG B 40 7.75 13.61 -17.68
CA ARG B 40 8.08 14.94 -18.18
C ARG B 40 7.75 16.10 -17.24
N VAL B 41 6.69 15.98 -16.45
CA VAL B 41 6.31 17.05 -15.53
C VAL B 41 7.48 17.43 -14.60
N SER B 42 8.42 16.51 -14.43
CA SER B 42 9.58 16.76 -13.58
C SER B 42 10.41 17.93 -14.07
N PHE B 43 10.64 17.99 -15.38
CA PHE B 43 11.41 19.07 -15.96
C PHE B 43 10.49 20.12 -16.59
N ASP B 44 9.26 20.17 -16.08
CA ASP B 44 8.24 21.11 -16.54
C ASP B 44 8.00 20.97 -18.04
N MET B 45 8.05 19.73 -18.56
CA MET B 45 7.86 19.48 -19.98
C MET B 45 6.70 18.52 -20.28
N GLY B 46 6.39 18.38 -21.56
CA GLY B 46 5.33 17.48 -21.99
C GLY B 46 5.91 16.52 -23.01
N LEU B 47 5.08 15.95 -23.87
CA LEU B 47 5.57 15.03 -24.89
C LEU B 47 6.46 15.77 -25.89
N LYS B 48 7.21 15.02 -26.69
CA LYS B 48 8.09 15.61 -27.69
C LYS B 48 7.89 14.91 -29.02
N ASP B 49 8.74 13.93 -29.31
CA ASP B 49 8.63 13.15 -30.54
C ASP B 49 8.81 11.68 -30.19
N GLU B 50 8.22 10.80 -31.00
CA GLU B 50 8.31 9.37 -30.75
C GLU B 50 9.73 8.84 -30.53
N GLU B 51 10.73 9.55 -31.06
CA GLU B 51 12.11 9.11 -30.90
C GLU B 51 12.66 9.48 -29.53
N ARG B 52 12.40 10.72 -29.13
CA ARG B 52 12.87 11.23 -27.85
C ARG B 52 12.08 10.60 -26.70
N ASP B 53 10.78 10.43 -26.91
CA ASP B 53 9.91 9.84 -25.90
C ASP B 53 10.26 8.40 -25.59
N ARG B 54 10.50 7.59 -26.62
CA ARG B 54 10.88 6.19 -26.39
C ARG B 54 12.22 6.13 -25.67
N HIS B 55 13.08 7.09 -25.97
CA HIS B 55 14.40 7.15 -25.36
C HIS B 55 14.26 7.40 -23.86
N LEU B 56 13.26 8.20 -23.49
CA LEU B 56 13.02 8.52 -22.09
C LEU B 56 12.64 7.27 -21.30
N ILE B 57 11.70 6.49 -21.84
CA ILE B 57 11.26 5.26 -21.19
C ILE B 57 12.45 4.38 -20.87
N GLU B 58 13.28 4.15 -21.88
CA GLU B 58 14.47 3.33 -21.73
C GLU B 58 15.35 3.96 -20.65
N TYR B 59 15.49 5.27 -20.72
CA TYR B 59 16.29 6.04 -19.77
C TYR B 59 15.78 5.88 -18.33
N LEU B 60 14.47 5.99 -18.16
CA LEU B 60 13.84 5.85 -16.84
C LEU B 60 14.09 4.45 -16.29
N MET B 61 13.87 3.45 -17.13
CA MET B 61 14.05 2.06 -16.74
C MET B 61 15.47 1.78 -16.24
N LYS B 62 16.48 2.11 -17.04
CA LYS B 62 17.86 1.85 -16.64
C LYS B 62 18.33 2.60 -15.38
N HIS B 63 17.72 3.74 -15.07
CA HIS B 63 18.13 4.50 -13.88
C HIS B 63 17.26 4.28 -12.65
N GLY B 64 16.32 3.34 -12.72
CA GLY B 64 15.49 3.05 -11.58
C GLY B 64 14.40 4.07 -11.24
N HIS B 65 13.95 4.83 -12.24
CA HIS B 65 12.88 5.79 -12.03
C HIS B 65 11.59 5.06 -12.40
N GLU B 66 11.10 4.27 -11.45
CA GLU B 66 9.91 3.44 -11.62
C GLU B 66 8.53 4.09 -11.49
N THR B 67 8.41 5.12 -10.66
CA THR B 67 7.10 5.74 -10.45
C THR B 67 6.31 6.16 -11.70
N PRO B 68 6.98 6.65 -12.76
CA PRO B 68 6.22 7.05 -13.95
C PRO B 68 5.35 5.95 -14.53
N PHE B 69 5.81 4.71 -14.38
CA PHE B 69 5.07 3.56 -14.91
C PHE B 69 3.83 3.17 -14.11
N GLU B 70 3.65 3.80 -12.96
CA GLU B 70 2.48 3.52 -12.14
C GLU B 70 1.22 4.11 -12.80
N HIS B 71 1.43 4.99 -13.77
CA HIS B 71 0.32 5.65 -14.47
C HIS B 71 -0.27 4.82 -15.61
N ILE B 72 0.27 3.62 -15.81
CA ILE B 72 -0.23 2.70 -16.82
C ILE B 72 -0.91 1.62 -15.96
N VAL B 73 -2.20 1.37 -16.21
CA VAL B 73 -2.93 0.41 -15.40
C VAL B 73 -3.67 -0.64 -16.24
N PHE B 74 -3.70 -1.88 -15.73
CA PHE B 74 -4.38 -2.98 -16.42
C PHE B 74 -5.40 -3.66 -15.53
N THR B 75 -6.39 -4.30 -16.17
CA THR B 75 -7.38 -5.07 -15.46
C THR B 75 -7.52 -6.40 -16.21
N PHE B 76 -7.15 -7.49 -15.56
CA PHE B 76 -7.23 -8.81 -16.16
C PHE B 76 -8.35 -9.64 -15.53
N HIS B 77 -8.81 -10.64 -16.28
CA HIS B 77 -9.83 -11.57 -15.81
C HIS B 77 -9.04 -12.88 -15.84
N VAL B 78 -8.89 -13.51 -14.68
CA VAL B 78 -8.10 -14.72 -14.59
C VAL B 78 -8.82 -15.92 -13.99
N LYS B 79 -8.63 -17.08 -14.62
CA LYS B 79 -9.19 -18.32 -14.14
C LYS B 79 -8.00 -19.23 -13.87
N ALA B 80 -7.83 -19.61 -12.61
CA ALA B 80 -6.70 -20.43 -12.22
C ALA B 80 -6.97 -21.27 -10.98
N PRO B 81 -6.13 -22.29 -10.74
CA PRO B 81 -6.27 -23.17 -9.58
C PRO B 81 -6.09 -22.33 -8.31
N ILE B 82 -6.74 -22.73 -7.23
CA ILE B 82 -6.62 -21.99 -5.99
C ILE B 82 -5.17 -21.93 -5.48
N PHE B 83 -4.40 -23.01 -5.63
CA PHE B 83 -3.03 -22.96 -5.14
C PHE B 83 -2.22 -21.91 -5.89
N VAL B 84 -2.61 -21.64 -7.14
CA VAL B 84 -1.95 -20.62 -7.95
C VAL B 84 -2.42 -19.24 -7.50
N ALA B 85 -3.72 -19.11 -7.28
CA ALA B 85 -4.30 -17.85 -6.84
C ALA B 85 -3.74 -17.42 -5.50
N ARG B 86 -3.52 -18.39 -4.61
CA ARG B 86 -2.98 -18.06 -3.30
C ARG B 86 -1.61 -17.38 -3.42
N GLN B 87 -0.79 -17.82 -4.36
CA GLN B 87 0.53 -17.21 -4.53
C GLN B 87 0.34 -15.83 -5.15
N TRP B 88 -0.53 -15.77 -6.17
CA TRP B 88 -0.81 -14.54 -6.90
C TRP B 88 -1.28 -13.42 -5.98
N PHE B 89 -2.25 -13.76 -5.14
CA PHE B 89 -2.85 -12.80 -4.21
C PHE B 89 -1.89 -12.24 -3.16
N ARG B 90 -0.66 -12.75 -3.12
CA ARG B 90 0.31 -12.25 -2.15
C ARG B 90 0.85 -10.91 -2.61
N HIS B 91 0.57 -10.55 -3.87
CA HIS B 91 1.01 -9.27 -4.41
C HIS B 91 -0.04 -8.25 -3.94
N ARG B 92 0.30 -7.56 -2.86
CA ARG B 92 -0.59 -6.60 -2.22
C ARG B 92 -0.84 -5.30 -2.96
N ILE B 93 0.09 -4.89 -3.80
CA ILE B 93 -0.06 -3.64 -4.54
C ILE B 93 -0.82 -3.90 -5.82
N ALA B 94 -2.11 -4.16 -5.66
CA ALA B 94 -3.02 -4.46 -6.77
C ALA B 94 -4.42 -4.57 -6.16
N SER B 95 -5.42 -4.79 -6.99
CA SER B 95 -6.78 -4.91 -6.54
C SER B 95 -7.34 -6.24 -7.04
N TYR B 96 -8.12 -6.91 -6.20
CA TYR B 96 -8.69 -8.20 -6.56
C TYR B 96 -10.15 -8.33 -6.20
N ASN B 97 -10.85 -9.14 -6.98
CA ASN B 97 -12.25 -9.46 -6.74
C ASN B 97 -12.38 -10.89 -7.27
N GLU B 98 -12.65 -11.81 -6.36
CA GLU B 98 -12.72 -13.23 -6.69
C GLU B 98 -14.06 -13.91 -6.42
N LEU B 99 -14.33 -14.94 -7.22
CA LEU B 99 -15.53 -15.76 -7.10
C LEU B 99 -15.56 -16.32 -5.67
N SER B 100 -16.73 -16.29 -5.04
CA SER B 100 -16.85 -16.76 -3.64
C SER B 100 -17.42 -18.16 -3.43
N GLY B 101 -16.71 -18.96 -2.64
CA GLY B 101 -17.17 -20.30 -2.33
C GLY B 101 -18.21 -20.25 -1.22
N ARG B 102 -18.37 -19.09 -0.61
CA ARG B 102 -19.37 -18.92 0.45
C ARG B 102 -20.70 -18.58 -0.21
N TYR B 103 -20.62 -17.80 -1.27
CA TYR B 103 -21.82 -17.34 -1.96
C TYR B 103 -22.21 -18.08 -3.23
N SER B 104 -21.30 -18.85 -3.81
CA SER B 104 -21.60 -19.56 -5.05
C SER B 104 -21.39 -21.06 -4.99
N LYS B 105 -22.17 -21.79 -5.78
CA LYS B 105 -22.01 -23.23 -5.87
C LYS B 105 -20.83 -23.44 -6.81
N LEU B 106 -19.71 -23.91 -6.27
CA LEU B 106 -18.52 -24.13 -7.08
C LEU B 106 -18.74 -25.24 -8.11
N SER B 107 -18.33 -24.98 -9.35
CA SER B 107 -18.50 -25.93 -10.43
C SER B 107 -17.36 -26.95 -10.53
N TYR B 108 -17.64 -28.07 -11.18
CA TYR B 108 -16.68 -29.13 -11.36
C TYR B 108 -15.58 -28.75 -12.35
N GLU B 109 -14.48 -28.20 -11.83
CA GLU B 109 -13.36 -27.81 -12.66
C GLU B 109 -12.09 -27.82 -11.83
N PHE B 110 -11.18 -28.74 -12.14
CA PHE B 110 -9.94 -28.86 -11.41
C PHE B 110 -8.74 -28.96 -12.34
N TYR B 111 -7.59 -28.53 -11.85
CA TYR B 111 -6.36 -28.58 -12.63
C TYR B 111 -5.75 -29.98 -12.52
N ILE B 112 -5.71 -30.69 -13.64
CA ILE B 112 -5.12 -32.01 -13.66
C ILE B 112 -3.81 -31.87 -14.42
N PRO B 113 -2.67 -32.05 -13.74
CA PRO B 113 -1.38 -31.92 -14.41
C PRO B 113 -1.28 -32.85 -15.62
N SER B 114 -0.57 -32.41 -16.65
CA SER B 114 -0.40 -33.24 -17.84
C SER B 114 0.71 -34.23 -17.53
N PRO B 115 0.84 -35.29 -18.34
CA PRO B 115 1.88 -36.29 -18.10
C PRO B 115 3.27 -35.64 -18.12
N GLU B 116 3.42 -34.66 -19.00
CA GLU B 116 4.66 -33.94 -19.18
C GLU B 116 5.10 -33.14 -17.95
N ARG B 117 4.17 -32.84 -17.06
CA ARG B 117 4.47 -32.06 -15.86
C ARG B 117 5.56 -32.67 -14.99
N LEU B 118 5.60 -34.00 -14.92
CA LEU B 118 6.59 -34.69 -14.11
C LEU B 118 7.87 -35.02 -14.88
N GLU B 119 7.95 -34.56 -16.12
CA GLU B 119 9.13 -34.81 -16.94
C GLU B 119 10.32 -34.13 -16.26
N GLY B 120 11.32 -34.92 -15.90
CA GLY B 120 12.49 -34.36 -15.23
C GLY B 120 12.71 -34.92 -13.85
N TYR B 121 11.72 -35.63 -13.33
CA TYR B 121 11.82 -36.24 -12.00
C TYR B 121 11.68 -37.75 -12.10
N LYS B 122 12.63 -38.47 -11.52
CA LYS B 122 12.58 -39.93 -11.53
C LYS B 122 11.55 -40.42 -10.54
N THR B 123 10.34 -40.68 -11.05
CA THR B 123 9.23 -41.14 -10.21
C THR B 123 9.13 -42.67 -10.22
N THR B 124 8.36 -43.19 -9.26
CA THR B 124 8.16 -44.63 -9.14
C THR B 124 7.07 -45.08 -10.11
N ILE B 125 5.87 -44.57 -9.93
CA ILE B 125 4.73 -44.92 -10.79
C ILE B 125 4.72 -44.08 -12.06
N PRO B 126 4.01 -44.55 -13.09
CA PRO B 126 3.89 -43.86 -14.38
C PRO B 126 3.22 -42.49 -14.27
N PRO B 127 3.55 -41.57 -15.18
CA PRO B 127 2.96 -40.23 -15.15
C PRO B 127 1.44 -40.33 -15.29
N GLU B 128 1.00 -41.37 -15.97
CA GLU B 128 -0.42 -41.59 -16.19
C GLU B 128 -1.10 -42.06 -14.91
N ARG B 129 -0.32 -42.69 -14.04
CA ARG B 129 -0.85 -43.17 -12.77
C ARG B 129 -1.12 -41.97 -11.87
N VAL B 130 -0.17 -41.04 -11.83
CA VAL B 130 -0.30 -39.84 -11.03
C VAL B 130 -1.56 -39.11 -11.44
N THR B 131 -1.81 -39.08 -12.74
CA THR B 131 -3.00 -38.42 -13.28
C THR B 131 -4.29 -39.00 -12.73
N GLU B 132 -4.40 -40.33 -12.78
CA GLU B 132 -5.60 -41.01 -12.30
C GLU B 132 -5.85 -40.83 -10.81
N LYS B 133 -4.77 -40.88 -10.01
CA LYS B 133 -4.90 -40.74 -8.57
C LYS B 133 -5.31 -39.33 -8.17
N ILE B 134 -4.94 -38.35 -8.98
CA ILE B 134 -5.29 -36.96 -8.70
C ILE B 134 -6.77 -36.79 -9.02
N SER B 135 -7.17 -37.26 -10.20
CA SER B 135 -8.56 -37.17 -10.65
C SER B 135 -9.47 -37.93 -9.68
N GLU B 136 -8.92 -38.98 -9.08
CA GLU B 136 -9.66 -39.80 -8.14
C GLU B 136 -10.05 -39.00 -6.90
N ILE B 137 -9.08 -38.32 -6.30
CA ILE B 137 -9.35 -37.51 -5.12
C ILE B 137 -10.37 -36.44 -5.49
N VAL B 138 -10.12 -35.77 -6.62
CA VAL B 138 -11.00 -34.72 -7.10
C VAL B 138 -12.45 -35.17 -7.19
N ASP B 139 -12.67 -36.30 -7.86
CA ASP B 139 -14.03 -36.82 -8.02
C ASP B 139 -14.66 -37.15 -6.69
N LYS B 140 -13.92 -37.84 -5.83
CA LYS B 140 -14.44 -38.21 -4.52
C LYS B 140 -14.72 -36.97 -3.67
N ALA B 141 -13.85 -35.97 -3.80
CA ALA B 141 -14.03 -34.74 -3.04
C ALA B 141 -15.24 -33.96 -3.53
N TYR B 142 -15.35 -33.75 -4.83
CA TYR B 142 -16.49 -33.01 -5.38
C TYR B 142 -17.78 -33.75 -5.07
N ARG B 143 -17.70 -35.07 -5.08
CA ARG B 143 -18.85 -35.94 -4.80
C ARG B 143 -19.39 -35.61 -3.42
N THR B 144 -18.50 -35.61 -2.44
CA THR B 144 -18.85 -35.32 -1.06
C THR B 144 -19.35 -33.90 -0.92
N TYR B 145 -18.75 -32.99 -1.67
CA TYR B 145 -19.14 -31.58 -1.62
C TYR B 145 -20.62 -31.41 -1.94
N LEU B 146 -21.05 -31.99 -3.07
CA LEU B 146 -22.45 -31.89 -3.48
C LEU B 146 -23.37 -32.58 -2.48
N GLU B 147 -22.94 -33.73 -1.96
CA GLU B 147 -23.74 -34.47 -0.99
C GLU B 147 -23.99 -33.62 0.26
N LEU B 148 -22.94 -32.98 0.75
CA LEU B 148 -23.08 -32.13 1.92
C LEU B 148 -24.09 -31.04 1.65
N ILE B 149 -23.98 -30.42 0.48
CA ILE B 149 -24.91 -29.36 0.13
C ILE B 149 -26.32 -29.91 0.04
N GLU B 150 -26.50 -31.01 -0.69
CA GLU B 150 -27.81 -31.62 -0.83
C GLU B 150 -28.37 -31.97 0.55
N SER B 151 -27.48 -32.23 1.50
CA SER B 151 -27.89 -32.57 2.87
C SER B 151 -28.25 -31.36 3.72
N GLY B 152 -28.15 -30.17 3.13
CA GLY B 152 -28.48 -28.96 3.86
C GLY B 152 -27.27 -28.23 4.43
N VAL B 153 -26.08 -28.76 4.18
CA VAL B 153 -24.87 -28.12 4.70
C VAL B 153 -24.59 -26.84 3.93
N PRO B 154 -24.49 -25.72 4.65
CA PRO B 154 -24.20 -24.43 4.02
C PRO B 154 -22.96 -24.49 3.14
N ARG B 155 -23.03 -23.84 1.98
CA ARG B 155 -21.91 -23.82 1.05
C ARG B 155 -20.54 -23.50 1.64
N GLU B 156 -20.48 -22.48 2.49
CA GLU B 156 -19.21 -22.07 3.10
C GLU B 156 -18.51 -23.17 3.90
N VAL B 157 -19.26 -24.19 4.30
CA VAL B 157 -18.67 -25.28 5.05
C VAL B 157 -18.43 -26.47 4.13
N ALA B 158 -19.42 -26.74 3.27
CA ALA B 158 -19.34 -27.85 2.33
C ALA B 158 -18.08 -27.80 1.47
N ARG B 159 -17.71 -26.60 1.03
CA ARG B 159 -16.54 -26.46 0.18
C ARG B 159 -15.18 -26.74 0.82
N ILE B 160 -15.12 -26.89 2.14
CA ILE B 160 -13.83 -27.12 2.78
C ILE B 160 -13.20 -28.46 2.44
N VAL B 161 -13.98 -29.37 1.88
CA VAL B 161 -13.45 -30.67 1.49
C VAL B 161 -12.82 -30.61 0.10
N LEU B 162 -13.09 -29.54 -0.65
CA LEU B 162 -12.55 -29.41 -1.99
C LEU B 162 -11.03 -29.17 -2.01
N PRO B 163 -10.33 -29.84 -2.94
CA PRO B 163 -8.88 -29.75 -3.10
C PRO B 163 -8.36 -28.43 -3.67
N LEU B 164 -7.09 -28.16 -3.42
CA LEU B 164 -6.44 -26.93 -3.85
C LEU B 164 -6.31 -26.73 -5.36
N ASN B 165 -6.57 -27.76 -6.15
CA ASN B 165 -6.46 -27.63 -7.59
C ASN B 165 -7.79 -27.20 -8.23
N LEU B 166 -8.76 -26.90 -7.38
CA LEU B 166 -10.06 -26.43 -7.85
C LEU B 166 -9.83 -25.09 -8.54
N TYR B 167 -10.53 -24.84 -9.65
CA TYR B 167 -10.37 -23.58 -10.35
C TYR B 167 -11.23 -22.47 -9.76
N THR B 168 -10.67 -21.27 -9.71
CA THR B 168 -11.40 -20.10 -9.21
C THR B 168 -11.23 -19.00 -10.27
N ARG B 169 -11.96 -17.90 -10.11
CA ARG B 169 -11.90 -16.79 -11.05
C ARG B 169 -11.79 -15.47 -10.32
N PHE B 170 -11.08 -14.51 -10.91
CA PHE B 170 -10.93 -13.23 -10.28
C PHE B 170 -10.54 -12.14 -11.26
N PHE B 171 -10.86 -10.90 -10.89
CA PHE B 171 -10.49 -9.73 -11.66
C PHE B 171 -9.25 -9.21 -10.95
N TRP B 172 -8.30 -8.70 -11.71
CA TRP B 172 -7.05 -8.19 -11.16
C TRP B 172 -6.71 -6.86 -11.82
N THR B 173 -6.63 -5.81 -11.02
CA THR B 173 -6.27 -4.50 -11.53
C THR B 173 -4.93 -4.16 -10.92
N VAL B 174 -3.95 -3.90 -11.77
CA VAL B 174 -2.59 -3.63 -11.31
C VAL B 174 -1.90 -2.64 -12.25
N ASN B 175 -1.04 -1.79 -11.71
CA ASN B 175 -0.34 -0.83 -12.56
C ASN B 175 0.96 -1.44 -13.09
N ALA B 176 1.56 -0.79 -14.08
CA ALA B 176 2.77 -1.33 -14.70
C ALA B 176 3.97 -1.54 -13.79
N ARG B 177 4.12 -0.72 -12.75
CA ARG B 177 5.25 -0.91 -11.85
C ARG B 177 5.07 -2.19 -11.05
N SER B 178 3.88 -2.37 -10.48
CA SER B 178 3.60 -3.57 -9.70
C SER B 178 3.63 -4.80 -10.59
N LEU B 179 3.12 -4.67 -11.82
CA LEU B 179 3.09 -5.78 -12.76
C LEU B 179 4.52 -6.22 -13.08
N MET B 180 5.44 -5.26 -13.20
CA MET B 180 6.83 -5.62 -13.47
C MET B 180 7.43 -6.38 -12.29
N ASN B 181 7.05 -6.02 -11.07
CA ASN B 181 7.54 -6.71 -9.89
C ASN B 181 6.99 -8.13 -9.94
N PHE B 182 5.72 -8.25 -10.32
CA PHE B 182 5.07 -9.54 -10.45
C PHE B 182 5.86 -10.40 -11.45
N LEU B 183 6.22 -9.82 -12.59
CA LEU B 183 6.96 -10.56 -13.60
C LEU B 183 8.36 -10.96 -13.12
N ASN B 184 9.01 -10.08 -12.36
CA ASN B 184 10.33 -10.37 -11.83
C ASN B 184 10.27 -11.64 -10.99
N LEU B 185 9.20 -11.74 -10.19
CA LEU B 185 9.00 -12.84 -9.26
C LEU B 185 8.32 -14.10 -9.81
N ARG B 186 7.30 -13.93 -10.63
CA ARG B 186 6.57 -15.07 -11.16
C ARG B 186 7.03 -15.58 -12.52
N ALA B 187 7.57 -14.70 -13.35
CA ALA B 187 8.10 -15.13 -14.65
C ALA B 187 9.55 -15.40 -14.32
N ASP B 188 9.77 -16.49 -13.58
CA ASP B 188 11.09 -16.88 -13.14
C ASP B 188 11.07 -18.35 -12.76
N SER B 189 12.18 -19.02 -12.96
CA SER B 189 12.29 -20.45 -12.67
C SER B 189 12.10 -20.84 -11.21
N HIS B 190 12.28 -19.90 -10.29
CA HIS B 190 12.12 -20.20 -8.87
C HIS B 190 10.66 -20.31 -8.46
N ALA B 191 9.77 -19.67 -9.22
CA ALA B 191 8.34 -19.73 -8.95
C ALA B 191 7.81 -21.07 -9.44
N GLN B 192 6.67 -21.49 -8.93
CA GLN B 192 6.10 -22.76 -9.35
C GLN B 192 5.72 -22.72 -10.82
N TRP B 193 6.02 -23.79 -11.54
CA TRP B 193 5.74 -23.88 -12.98
C TRP B 193 4.35 -23.38 -13.35
N GLU B 194 3.35 -23.83 -12.60
CA GLU B 194 1.98 -23.43 -12.85
C GLU B 194 1.79 -21.90 -12.93
N ILE B 195 2.30 -21.16 -11.94
CA ILE B 195 2.12 -19.71 -12.01
C ILE B 195 3.07 -19.07 -13.03
N GLN B 196 4.16 -19.75 -13.35
CA GLN B 196 5.09 -19.25 -14.34
C GLN B 196 4.32 -19.10 -15.66
N GLN B 197 3.52 -20.11 -15.97
CA GLN B 197 2.72 -20.15 -17.19
C GLN B 197 1.78 -18.94 -17.26
N TYR B 198 1.19 -18.58 -16.14
CA TYR B 198 0.30 -17.44 -16.11
C TYR B 198 1.09 -16.15 -16.32
N ALA B 199 2.26 -16.06 -15.69
CA ALA B 199 3.11 -14.89 -15.81
C ALA B 199 3.54 -14.63 -17.26
N LEU B 200 3.73 -15.70 -18.04
CA LEU B 200 4.12 -15.55 -19.44
C LEU B 200 3.00 -14.89 -20.22
N ALA B 201 1.76 -15.23 -19.89
CA ALA B 201 0.61 -14.65 -20.56
C ALA B 201 0.49 -13.18 -20.20
N ILE B 202 0.70 -12.86 -18.93
CA ILE B 202 0.63 -11.47 -18.48
C ILE B 202 1.69 -10.67 -19.24
N ALA B 203 2.89 -11.25 -19.35
CA ALA B 203 3.98 -10.59 -20.05
C ALA B 203 3.63 -10.34 -21.52
N ARG B 204 3.03 -11.34 -22.16
CA ARG B 204 2.65 -11.22 -23.57
C ARG B 204 1.69 -10.05 -23.76
N ILE B 205 0.68 -9.94 -22.89
CA ILE B 205 -0.29 -8.85 -22.99
C ILE B 205 0.38 -7.51 -22.69
N PHE B 206 1.24 -7.50 -21.68
CA PHE B 206 1.97 -6.30 -21.29
C PHE B 206 2.78 -5.82 -22.49
N LYS B 207 3.52 -6.74 -23.10
CA LYS B 207 4.35 -6.42 -24.25
C LYS B 207 3.54 -5.80 -25.39
N GLU B 208 2.36 -6.36 -25.66
CA GLU B 208 1.52 -5.84 -26.73
C GLU B 208 1.00 -4.43 -26.49
N LYS B 209 0.61 -4.13 -25.25
CA LYS B 209 0.10 -2.81 -24.91
C LYS B 209 1.17 -1.76 -24.62
N CYS B 210 2.32 -2.20 -24.11
CA CYS B 210 3.41 -1.28 -23.78
C CYS B 210 4.73 -1.82 -24.28
N PRO B 211 4.88 -1.93 -25.62
CA PRO B 211 6.10 -2.45 -26.23
C PRO B 211 7.39 -1.75 -25.81
N TRP B 212 7.36 -0.43 -25.73
CA TRP B 212 8.55 0.32 -25.34
C TRP B 212 8.91 0.01 -23.89
N THR B 213 7.94 0.13 -23.00
CA THR B 213 8.17 -0.14 -21.59
C THR B 213 8.67 -1.57 -21.40
N PHE B 214 8.00 -2.52 -22.05
CA PHE B 214 8.36 -3.94 -21.93
C PHE B 214 9.80 -4.21 -22.35
N GLU B 215 10.16 -3.77 -23.56
CA GLU B 215 11.51 -3.98 -24.07
C GLU B 215 12.55 -3.38 -23.14
N ALA B 216 12.29 -2.16 -22.68
CA ALA B 216 13.20 -1.47 -21.78
C ALA B 216 13.31 -2.24 -20.46
N PHE B 217 12.19 -2.85 -20.06
CA PHE B 217 12.13 -3.62 -18.82
C PHE B 217 13.02 -4.86 -18.92
N LEU B 218 12.89 -5.61 -20.00
CA LEU B 218 13.71 -6.81 -20.16
C LEU B 218 15.19 -6.49 -20.21
N LYS B 219 15.57 -5.48 -20.97
CA LYS B 219 16.98 -5.12 -21.09
C LYS B 219 17.61 -4.46 -19.87
N TYR B 220 16.84 -3.70 -19.09
CA TYR B 220 17.43 -3.01 -17.94
C TYR B 220 17.00 -3.37 -16.51
N ALA B 221 15.73 -3.70 -16.30
CA ALA B 221 15.28 -3.97 -14.94
C ALA B 221 14.87 -5.40 -14.61
N TYR B 222 14.35 -6.12 -15.58
CA TYR B 222 13.90 -7.49 -15.37
C TYR B 222 14.96 -8.33 -14.64
N LYS B 223 14.55 -8.90 -13.51
CA LYS B 223 15.46 -9.71 -12.69
C LYS B 223 15.23 -11.22 -12.80
N GLY B 224 14.22 -11.62 -13.56
CA GLY B 224 13.93 -13.03 -13.73
C GLY B 224 14.78 -13.64 -14.83
N ASP B 225 14.47 -14.87 -15.20
CA ASP B 225 15.25 -15.55 -16.24
C ASP B 225 14.48 -15.99 -17.48
N ILE B 226 13.34 -16.64 -17.29
CA ILE B 226 12.55 -17.16 -18.41
C ILE B 226 12.16 -16.21 -19.55
N LEU B 227 11.89 -14.94 -19.23
CA LEU B 227 11.49 -14.00 -20.28
C LEU B 227 12.62 -13.68 -21.27
N LYS B 228 13.85 -13.98 -20.88
CA LYS B 228 14.99 -13.73 -21.74
C LYS B 228 15.28 -14.93 -22.65
N GLU B 229 14.63 -16.05 -22.34
CA GLU B 229 14.80 -17.27 -23.11
C GLU B 229 13.53 -17.54 -23.93
N VAL B 230 12.37 -17.22 -23.35
CA VAL B 230 11.10 -17.44 -24.03
C VAL B 230 10.70 -16.19 -24.84
N GLN B 231 9.92 -16.40 -25.88
CA GLN B 231 9.47 -15.30 -26.73
C GLN B 231 8.18 -14.67 -26.22
N VAL B 232 8.12 -13.33 -26.31
CA VAL B 232 6.99 -12.52 -25.88
C VAL B 232 6.43 -12.79 -24.48
N MET C 13 0.66 -14.92 25.63
CA MET C 13 -0.76 -14.91 25.20
C MET C 13 -0.99 -15.78 23.98
N LYS C 14 -1.53 -16.97 24.21
CA LYS C 14 -1.83 -17.91 23.13
C LYS C 14 -3.24 -18.41 23.35
N ILE C 15 -4.09 -18.20 22.35
CA ILE C 15 -5.49 -18.60 22.44
C ILE C 15 -5.82 -19.66 21.40
N ASP C 16 -6.42 -20.77 21.85
CA ASP C 16 -6.79 -21.85 20.94
C ASP C 16 -8.04 -21.46 20.16
N ILE C 17 -8.07 -21.83 18.88
CA ILE C 17 -9.20 -21.50 18.03
C ILE C 17 -9.62 -22.75 17.25
N LEU C 18 -10.93 -22.94 17.10
CA LEU C 18 -11.47 -24.10 16.38
C LEU C 18 -10.98 -25.35 17.09
N ASP C 19 -10.71 -26.41 16.31
CA ASP C 19 -10.25 -27.66 16.90
C ASP C 19 -8.75 -27.81 17.01
N LYS C 20 -7.99 -27.16 16.14
CA LYS C 20 -6.53 -27.28 16.19
C LYS C 20 -5.76 -25.99 15.93
N GLY C 21 -6.47 -24.87 15.84
CA GLY C 21 -5.78 -23.62 15.56
C GLY C 21 -5.46 -22.76 16.76
N PHE C 22 -4.82 -21.62 16.51
CA PHE C 22 -4.49 -20.69 17.58
C PHE C 22 -4.05 -19.35 17.09
N VAL C 23 -4.07 -18.38 18.00
CA VAL C 23 -3.59 -17.03 17.73
C VAL C 23 -2.64 -16.79 18.87
N GLU C 24 -1.41 -16.42 18.53
CA GLU C 24 -0.39 -16.16 19.54
C GLU C 24 0.25 -14.80 19.29
N LEU C 25 0.43 -14.02 20.35
CA LEU C 25 1.08 -12.71 20.21
C LEU C 25 2.57 -12.94 20.24
N VAL C 26 3.27 -12.48 19.20
CA VAL C 26 4.72 -12.65 19.13
C VAL C 26 5.45 -11.42 19.61
N ASP C 27 4.99 -10.26 19.17
CA ASP C 27 5.62 -9.01 19.57
C ASP C 27 4.62 -7.86 19.44
N VAL C 28 4.99 -6.72 20.02
CA VAL C 28 4.18 -5.53 19.95
C VAL C 28 5.03 -4.30 20.18
N MET C 29 4.81 -3.27 19.38
CA MET C 29 5.53 -2.03 19.53
C MET C 29 4.56 -0.96 20.02
N GLY C 30 4.86 -0.38 21.17
CA GLY C 30 4.01 0.66 21.71
C GLY C 30 2.79 0.22 22.49
N ASN C 31 1.97 1.19 22.83
CA ASN C 31 0.73 1.00 23.58
C ASN C 31 -0.12 2.21 23.22
N ASP C 32 -1.19 2.45 23.95
CA ASP C 32 -2.05 3.59 23.66
C ASP C 32 -1.25 4.90 23.53
N LEU C 33 -0.31 5.11 24.46
CA LEU C 33 0.49 6.33 24.43
C LEU C 33 1.29 6.52 23.15
N SER C 34 1.56 5.44 22.43
CA SER C 34 2.30 5.55 21.18
C SER C 34 1.48 6.40 20.20
N ALA C 35 0.17 6.19 20.18
CA ALA C 35 -0.70 6.97 19.29
C ALA C 35 -0.74 8.42 19.79
N VAL C 36 -0.79 8.59 21.11
CA VAL C 36 -0.83 9.92 21.69
C VAL C 36 0.44 10.71 21.34
N ARG C 37 1.61 10.11 21.56
CA ARG C 37 2.87 10.78 21.24
C ARG C 37 2.96 11.15 19.77
N ALA C 38 2.48 10.26 18.90
CA ALA C 38 2.51 10.49 17.46
C ALA C 38 1.60 11.64 17.07
N ALA C 39 0.39 11.65 17.62
CA ALA C 39 -0.57 12.71 17.32
C ALA C 39 0.00 14.07 17.70
N ARG C 40 0.62 14.15 18.87
CA ARG C 40 1.22 15.41 19.33
C ARG C 40 2.59 15.65 18.71
N VAL C 41 3.22 14.58 18.22
CA VAL C 41 4.57 14.67 17.65
C VAL C 41 5.51 15.14 18.77
N SER C 42 5.46 14.42 19.89
CA SER C 42 6.30 14.77 21.05
C SER C 42 7.02 13.57 21.64
N PHE C 43 8.22 13.82 22.17
CA PHE C 43 9.04 12.78 22.78
C PHE C 43 9.34 11.65 21.80
N LYS C 48 2.27 10.90 30.89
CA LYS C 48 2.35 12.19 31.57
C LYS C 48 1.03 12.59 32.21
N ASP C 49 -0.06 12.57 31.44
CA ASP C 49 -1.37 12.94 31.99
C ASP C 49 -2.45 11.98 31.51
N GLU C 50 -2.64 10.92 32.28
CA GLU C 50 -3.63 9.88 32.02
C GLU C 50 -4.97 10.40 31.48
N GLU C 51 -5.57 11.33 32.20
CA GLU C 51 -6.86 11.91 31.84
C GLU C 51 -6.84 12.60 30.48
N ARG C 52 -5.86 13.45 30.25
CA ARG C 52 -5.77 14.18 28.98
C ARG C 52 -5.37 13.27 27.81
N ASP C 53 -4.49 12.31 28.07
CA ASP C 53 -4.06 11.41 27.02
C ASP C 53 -5.21 10.50 26.59
N ARG C 54 -5.97 10.03 27.56
CA ARG C 54 -7.11 9.15 27.30
C ARG C 54 -8.14 9.93 26.49
N HIS C 55 -8.36 11.18 26.88
CA HIS C 55 -9.30 12.04 26.19
C HIS C 55 -8.90 12.20 24.73
N LEU C 56 -7.60 12.37 24.48
CA LEU C 56 -7.11 12.53 23.12
C LEU C 56 -7.41 11.31 22.26
N ILE C 57 -7.19 10.12 22.81
CA ILE C 57 -7.47 8.88 22.09
C ILE C 57 -8.92 8.88 21.65
N GLU C 58 -9.81 9.23 22.57
CA GLU C 58 -11.24 9.27 22.26
C GLU C 58 -11.52 10.32 21.18
N TYR C 59 -10.89 11.48 21.33
CA TYR C 59 -11.07 12.58 20.39
C TYR C 59 -10.68 12.13 18.98
N LEU C 60 -9.47 11.60 18.85
CA LEU C 60 -8.98 11.12 17.56
C LEU C 60 -9.96 10.13 16.93
N MET C 61 -10.37 9.12 17.70
CA MET C 61 -11.29 8.09 17.22
C MET C 61 -12.64 8.65 16.79
N LYS C 62 -13.22 9.48 17.64
CA LYS C 62 -14.51 10.10 17.39
C LYS C 62 -14.54 10.91 16.10
N HIS C 63 -13.47 11.65 15.83
CA HIS C 63 -13.42 12.47 14.62
C HIS C 63 -12.77 11.85 13.38
N GLY C 64 -12.44 10.58 13.45
CA GLY C 64 -11.83 9.93 12.31
C GLY C 64 -10.37 10.18 12.02
N HIS C 65 -9.62 10.66 13.01
CA HIS C 65 -8.19 10.89 12.85
C HIS C 65 -7.52 9.56 13.20
N GLU C 66 -7.45 8.68 12.20
CA GLU C 66 -6.91 7.34 12.36
C GLU C 66 -5.41 7.14 12.22
N THR C 67 -4.72 8.03 11.51
CA THR C 67 -3.29 7.87 11.29
C THR C 67 -2.40 7.69 12.53
N PRO C 68 -2.72 8.38 13.65
CA PRO C 68 -1.86 8.19 14.83
C PRO C 68 -1.76 6.73 15.31
N PHE C 69 -2.84 5.98 15.10
CA PHE C 69 -2.86 4.58 15.53
C PHE C 69 -1.98 3.65 14.71
N GLU C 70 -1.48 4.13 13.58
CA GLU C 70 -0.60 3.34 12.72
C GLU C 70 0.76 3.16 13.43
N HIS C 71 1.00 3.95 14.47
CA HIS C 71 2.27 3.85 15.18
C HIS C 71 2.29 2.79 16.27
N ILE C 72 1.24 2.00 16.31
CA ILE C 72 1.14 0.89 17.26
C ILE C 72 1.19 -0.34 16.35
N VAL C 73 2.14 -1.24 16.56
CA VAL C 73 2.27 -2.41 15.69
C VAL C 73 2.32 -3.74 16.46
N PHE C 74 1.70 -4.76 15.88
CA PHE C 74 1.66 -6.10 16.47
C PHE C 74 2.16 -7.18 15.51
N THR C 75 2.68 -8.26 16.07
CA THR C 75 3.11 -9.39 15.27
C THR C 75 2.45 -10.61 15.93
N PHE C 76 1.61 -11.29 15.17
CA PHE C 76 0.91 -12.48 15.64
C PHE C 76 1.43 -13.72 14.91
N HIS C 77 1.26 -14.87 15.53
CA HIS C 77 1.63 -16.16 14.94
C HIS C 77 0.28 -16.87 14.89
N VAL C 78 -0.17 -17.23 13.68
CA VAL C 78 -1.48 -17.84 13.54
C VAL C 78 -1.48 -19.20 12.86
N LYS C 79 -2.31 -20.09 13.37
CA LYS C 79 -2.47 -21.43 12.81
C LYS C 79 -3.94 -21.51 12.45
N ALA C 80 -4.22 -21.65 11.16
CA ALA C 80 -5.59 -21.69 10.69
C ALA C 80 -5.75 -22.46 9.40
N PRO C 81 -7.00 -22.87 9.10
CA PRO C 81 -7.31 -23.62 7.88
C PRO C 81 -7.07 -22.69 6.70
N ILE C 82 -6.59 -23.25 5.60
CA ILE C 82 -6.32 -22.46 4.41
C ILE C 82 -7.52 -21.61 3.95
N PHE C 83 -8.74 -22.13 4.04
CA PHE C 83 -9.88 -21.35 3.61
C PHE C 83 -10.06 -20.11 4.49
N VAL C 84 -9.56 -20.18 5.73
CA VAL C 84 -9.63 -19.02 6.62
C VAL C 84 -8.48 -18.08 6.25
N ALA C 85 -7.30 -18.65 6.02
CA ALA C 85 -6.12 -17.86 5.65
C ALA C 85 -6.34 -17.06 4.37
N ARG C 86 -7.06 -17.66 3.41
CA ARG C 86 -7.32 -16.98 2.14
C ARG C 86 -8.10 -15.70 2.34
N GLN C 87 -9.08 -15.73 3.24
CA GLN C 87 -9.88 -14.56 3.52
C GLN C 87 -9.02 -13.55 4.28
N TRP C 88 -8.25 -14.04 5.24
CA TRP C 88 -7.37 -13.21 6.07
C TRP C 88 -6.34 -12.44 5.22
N PHE C 89 -5.72 -13.16 4.29
CA PHE C 89 -4.68 -12.59 3.43
C PHE C 89 -5.19 -11.55 2.43
N ARG C 90 -6.49 -11.30 2.42
CA ARG C 90 -7.04 -10.29 1.53
C ARG C 90 -6.78 -8.91 2.14
N HIS C 91 -6.35 -8.88 3.40
CA HIS C 91 -6.05 -7.62 4.06
C HIS C 91 -4.61 -7.27 3.69
N ARG C 92 -4.51 -6.45 2.64
CA ARG C 92 -3.23 -6.04 2.06
C ARG C 92 -2.35 -5.10 2.90
N ILE C 93 -2.94 -4.33 3.80
CA ILE C 93 -2.14 -3.42 4.61
C ILE C 93 -1.65 -4.15 5.86
N ALA C 94 -0.67 -5.02 5.63
CA ALA C 94 -0.07 -5.83 6.68
C ALA C 94 1.02 -6.66 6.00
N SER C 95 1.79 -7.36 6.81
CA SER C 95 2.88 -8.21 6.37
C SER C 95 2.59 -9.65 6.75
N TYR C 96 2.92 -10.58 5.85
CA TYR C 96 2.69 -12.00 6.06
C TYR C 96 3.85 -12.88 5.64
N ASN C 97 4.01 -13.99 6.36
CA ASN C 97 5.01 -15.00 6.04
C ASN C 97 4.36 -16.29 6.49
N GLU C 98 4.15 -17.19 5.53
CA GLU C 98 3.45 -18.45 5.76
C GLU C 98 4.23 -19.70 5.37
N LEU C 99 3.87 -20.82 6.00
CA LEU C 99 4.49 -22.12 5.71
C LEU C 99 4.25 -22.45 4.24
N SER C 100 5.26 -23.02 3.59
CA SER C 100 5.18 -23.36 2.18
C SER C 100 4.89 -24.83 1.88
N GLY C 101 3.88 -25.06 1.05
CA GLY C 101 3.50 -26.40 0.67
C GLY C 101 4.39 -26.94 -0.44
N ARG C 102 5.26 -26.10 -0.98
CA ARG C 102 6.16 -26.57 -2.02
C ARG C 102 7.56 -26.75 -1.46
N TYR C 103 7.80 -26.20 -0.27
CA TYR C 103 9.10 -26.30 0.37
C TYR C 103 9.14 -27.28 1.54
N SER C 104 8.02 -27.46 2.23
CA SER C 104 7.98 -28.38 3.35
C SER C 104 6.85 -29.41 3.21
N LYS C 105 7.01 -30.54 3.88
CA LYS C 105 5.99 -31.58 3.85
C LYS C 105 4.87 -31.16 4.80
N LEU C 106 3.66 -31.10 4.28
CA LEU C 106 2.52 -30.67 5.10
C LEU C 106 2.09 -31.72 6.12
N SER C 107 1.79 -31.26 7.33
CA SER C 107 1.38 -32.15 8.43
C SER C 107 -0.09 -32.55 8.33
N TYR C 108 -0.42 -33.72 8.90
CA TYR C 108 -1.80 -34.20 8.88
C TYR C 108 -2.59 -33.45 9.94
N GLU C 109 -3.03 -32.25 9.61
CA GLU C 109 -3.85 -31.46 10.52
C GLU C 109 -4.89 -30.73 9.68
N PHE C 110 -6.13 -31.13 9.89
CA PHE C 110 -7.25 -30.57 9.16
C PHE C 110 -8.35 -30.12 10.12
N TYR C 111 -9.12 -29.13 9.69
CA TYR C 111 -10.21 -28.60 10.50
C TYR C 111 -11.50 -29.39 10.29
N ILE C 112 -11.99 -30.01 11.35
CA ILE C 112 -13.24 -30.77 11.31
C ILE C 112 -14.27 -29.98 12.09
N PRO C 113 -15.30 -29.46 11.42
CA PRO C 113 -16.34 -28.68 12.08
C PRO C 113 -16.88 -29.39 13.32
N SER C 114 -17.22 -28.62 14.35
CA SER C 114 -17.76 -29.19 15.57
C SER C 114 -19.18 -29.65 15.30
N PRO C 115 -19.70 -30.57 16.13
CA PRO C 115 -21.06 -31.05 15.93
C PRO C 115 -22.06 -29.89 16.01
N GLU C 116 -21.66 -28.84 16.70
CA GLU C 116 -22.52 -27.67 16.89
C GLU C 116 -22.39 -26.60 15.80
N ARG C 117 -21.44 -26.77 14.89
CA ARG C 117 -21.22 -25.80 13.81
C ARG C 117 -22.43 -25.65 12.89
N LEU C 118 -23.13 -26.74 12.67
CA LEU C 118 -24.30 -26.73 11.79
C LEU C 118 -25.59 -26.72 12.61
N GLU C 119 -25.44 -26.51 13.91
CA GLU C 119 -26.57 -26.46 14.81
C GLU C 119 -27.31 -25.14 14.55
N GLY C 120 -28.32 -25.21 13.70
CA GLY C 120 -29.08 -24.02 13.36
C GLY C 120 -29.49 -24.07 11.91
N TYR C 121 -29.00 -25.07 11.20
CA TYR C 121 -29.33 -25.26 9.79
C TYR C 121 -30.17 -26.51 9.63
N LYS C 122 -31.16 -26.44 8.73
CA LYS C 122 -32.02 -27.59 8.49
C LYS C 122 -31.24 -28.64 7.72
N THR C 123 -30.53 -29.50 8.46
CA THR C 123 -29.72 -30.55 7.86
C THR C 123 -30.48 -31.88 7.86
N THR C 124 -30.31 -32.65 6.80
CA THR C 124 -30.98 -33.95 6.68
C THR C 124 -30.20 -35.05 7.41
N ILE C 125 -28.87 -34.95 7.37
CA ILE C 125 -28.03 -35.95 8.02
C ILE C 125 -27.54 -35.48 9.38
N PRO C 126 -27.27 -36.43 10.30
CA PRO C 126 -26.80 -36.11 11.65
C PRO C 126 -25.41 -35.48 11.65
N PRO C 127 -25.12 -34.64 12.65
CA PRO C 127 -23.83 -33.97 12.78
C PRO C 127 -22.65 -34.93 12.68
N GLU C 128 -22.80 -36.11 13.29
CA GLU C 128 -21.75 -37.11 13.26
C GLU C 128 -21.45 -37.55 11.84
N ARG C 129 -22.51 -37.62 11.02
CA ARG C 129 -22.35 -38.03 9.62
C ARG C 129 -21.50 -37.01 8.87
N VAL C 130 -21.83 -35.74 9.04
CA VAL C 130 -21.07 -34.67 8.39
C VAL C 130 -19.61 -34.83 8.78
N THR C 131 -19.37 -34.96 10.08
CA THR C 131 -18.02 -35.12 10.60
C THR C 131 -17.32 -36.32 9.96
N GLU C 132 -18.07 -37.41 9.78
CA GLU C 132 -17.51 -38.61 9.19
C GLU C 132 -17.23 -38.42 7.71
N LYS C 133 -18.15 -37.73 7.03
CA LYS C 133 -18.01 -37.48 5.60
C LYS C 133 -16.77 -36.62 5.33
N ILE C 134 -16.58 -35.59 6.14
CA ILE C 134 -15.44 -34.69 5.98
C ILE C 134 -14.15 -35.41 6.35
N SER C 135 -14.15 -36.02 7.53
CA SER C 135 -12.97 -36.73 8.01
C SER C 135 -12.56 -37.80 6.99
N GLU C 136 -13.54 -38.30 6.24
CA GLU C 136 -13.30 -39.34 5.24
C GLU C 136 -12.47 -38.89 4.04
N ILE C 137 -12.89 -37.85 3.34
CA ILE C 137 -12.13 -37.40 2.18
C ILE C 137 -10.77 -36.85 2.63
N VAL C 138 -10.75 -36.23 3.80
CA VAL C 138 -9.51 -35.68 4.35
C VAL C 138 -8.45 -36.77 4.45
N ASP C 139 -8.80 -37.87 5.11
CA ASP C 139 -7.88 -38.98 5.28
C ASP C 139 -7.45 -39.54 3.93
N LYS C 140 -8.39 -39.66 3.01
CA LYS C 140 -8.10 -40.17 1.67
C LYS C 140 -7.17 -39.26 0.89
N ALA C 141 -7.41 -37.96 0.98
CA ALA C 141 -6.60 -36.99 0.29
C ALA C 141 -5.16 -37.01 0.80
N TYR C 142 -5.00 -36.98 2.11
CA TYR C 142 -3.66 -36.98 2.69
C TYR C 142 -2.90 -38.25 2.34
N ARG C 143 -3.59 -39.38 2.42
CA ARG C 143 -2.97 -40.65 2.09
C ARG C 143 -2.43 -40.59 0.66
N THR C 144 -3.24 -40.06 -0.24
CA THR C 144 -2.85 -39.92 -1.64
C THR C 144 -1.66 -38.96 -1.76
N TYR C 145 -1.69 -37.91 -0.95
CA TYR C 145 -0.62 -36.92 -0.96
C TYR C 145 0.72 -37.56 -0.59
N LEU C 146 0.75 -38.31 0.50
CA LEU C 146 1.97 -38.98 0.96
C LEU C 146 2.44 -39.99 -0.08
N GLU C 147 1.49 -40.68 -0.68
CA GLU C 147 1.78 -41.69 -1.70
C GLU C 147 2.57 -41.06 -2.85
N LEU C 148 2.06 -39.94 -3.36
CA LEU C 148 2.70 -39.25 -4.47
C LEU C 148 4.13 -38.80 -4.12
N ILE C 149 4.30 -38.24 -2.93
CA ILE C 149 5.63 -37.78 -2.50
C ILE C 149 6.61 -38.93 -2.53
N GLU C 150 6.28 -39.99 -1.78
CA GLU C 150 7.13 -41.16 -1.69
C GLU C 150 7.43 -41.73 -3.07
N SER C 151 6.58 -41.42 -4.04
CA SER C 151 6.77 -41.91 -5.41
C SER C 151 7.68 -41.00 -6.21
N GLY C 152 8.11 -39.90 -5.62
CA GLY C 152 8.99 -38.98 -6.32
C GLY C 152 8.35 -37.70 -6.79
N VAL C 153 7.01 -37.64 -6.75
CA VAL C 153 6.31 -36.44 -7.18
C VAL C 153 6.71 -35.25 -6.31
N PRO C 154 7.07 -34.11 -6.95
CA PRO C 154 7.47 -32.92 -6.20
C PRO C 154 6.37 -32.52 -5.22
N ARG C 155 6.77 -31.99 -4.07
CA ARG C 155 5.82 -31.56 -3.06
C ARG C 155 4.84 -30.53 -3.59
N GLU C 156 5.36 -29.53 -4.32
CA GLU C 156 4.53 -28.46 -4.86
C GLU C 156 3.36 -28.97 -5.70
N VAL C 157 3.53 -30.14 -6.32
CA VAL C 157 2.48 -30.70 -7.16
C VAL C 157 1.63 -31.70 -6.36
N ALA C 158 2.26 -32.44 -5.47
CA ALA C 158 1.56 -33.44 -4.66
C ALA C 158 0.49 -32.85 -3.73
N ARG C 159 0.75 -31.66 -3.19
CA ARG C 159 -0.19 -31.01 -2.28
C ARG C 159 -1.48 -30.47 -2.91
N ILE C 160 -1.56 -30.45 -4.23
CA ILE C 160 -2.76 -29.92 -4.87
C ILE C 160 -4.01 -30.74 -4.58
N VAL C 161 -3.82 -31.96 -4.11
CA VAL C 161 -4.95 -32.82 -3.79
C VAL C 161 -5.48 -32.55 -2.38
N LEU C 162 -4.72 -31.81 -1.59
CA LEU C 162 -5.16 -31.54 -0.22
C LEU C 162 -6.34 -30.57 -0.17
N PRO C 163 -7.30 -30.83 0.73
CA PRO C 163 -8.52 -30.03 0.92
C PRO C 163 -8.24 -28.67 1.57
N LEU C 164 -9.15 -27.73 1.32
CA LEU C 164 -9.05 -26.37 1.84
C LEU C 164 -9.08 -26.27 3.36
N ASN C 165 -9.42 -27.36 4.03
CA ASN C 165 -9.47 -27.32 5.48
C ASN C 165 -8.13 -27.68 6.12
N LEU C 166 -7.11 -27.83 5.27
CA LEU C 166 -5.76 -28.14 5.75
C LEU C 166 -5.29 -26.95 6.59
N TYR C 167 -4.64 -27.23 7.71
CA TYR C 167 -4.14 -26.15 8.55
C TYR C 167 -2.81 -25.63 8.05
N THR C 168 -2.62 -24.32 8.17
CA THR C 168 -1.37 -23.68 7.75
C THR C 168 -0.98 -22.74 8.88
N ARG C 169 0.24 -22.20 8.82
CA ARG C 169 0.71 -21.29 9.85
C ARG C 169 1.37 -20.08 9.21
N PHE C 170 1.20 -18.91 9.83
CA PHE C 170 1.80 -17.69 9.32
C PHE C 170 2.02 -16.64 10.39
N PHE C 171 2.96 -15.73 10.11
CA PHE C 171 3.25 -14.61 10.99
C PHE C 171 2.52 -13.44 10.35
N TRP C 172 1.90 -12.62 11.18
CA TRP C 172 1.14 -11.45 10.74
C TRP C 172 1.56 -10.22 11.53
N THR C 173 2.12 -9.23 10.83
CA THR C 173 2.53 -7.98 11.45
C THR C 173 1.59 -6.93 10.88
N VAL C 174 0.88 -6.25 11.76
CA VAL C 174 -0.12 -5.27 11.35
C VAL C 174 -0.21 -4.13 12.37
N ASN C 175 -0.46 -2.90 11.91
CA ASN C 175 -0.58 -1.78 12.84
C ASN C 175 -2.01 -1.67 13.34
N ALA C 176 -2.22 -0.93 14.43
CA ALA C 176 -3.56 -0.81 15.02
C ALA C 176 -4.65 -0.32 14.06
N ARG C 177 -4.32 0.61 13.17
CA ARG C 177 -5.33 1.11 12.24
C ARG C 177 -5.84 0.01 11.32
N SER C 178 -4.93 -0.72 10.70
CA SER C 178 -5.32 -1.80 9.80
C SER C 178 -5.99 -2.93 10.59
N LEU C 179 -5.54 -3.11 11.84
CA LEU C 179 -6.11 -4.14 12.70
C LEU C 179 -7.58 -3.83 12.99
N MET C 180 -7.89 -2.56 13.24
CA MET C 180 -9.27 -2.15 13.51
C MET C 180 -10.14 -2.37 12.27
N ASN C 181 -9.55 -2.19 11.09
CA ASN C 181 -10.30 -2.42 9.85
C ASN C 181 -10.64 -3.90 9.78
N PHE C 182 -9.67 -4.72 10.17
CA PHE C 182 -9.81 -6.19 10.18
C PHE C 182 -10.93 -6.59 11.12
N LEU C 183 -10.99 -5.97 12.30
CA LEU C 183 -12.03 -6.29 13.27
C LEU C 183 -13.41 -5.83 12.77
N ASN C 184 -13.46 -4.67 12.12
CA ASN C 184 -14.72 -4.17 11.58
C ASN C 184 -15.31 -5.17 10.60
N LEU C 185 -14.43 -5.76 9.80
CA LEU C 185 -14.86 -6.71 8.77
C LEU C 185 -14.99 -8.17 9.20
N ARG C 186 -14.07 -8.63 10.04
CA ARG C 186 -14.05 -10.03 10.46
C ARG C 186 -14.71 -10.31 11.81
N ALA C 187 -14.71 -9.32 12.71
CA ALA C 187 -15.38 -9.51 13.98
C ALA C 187 -16.80 -9.04 13.68
N ASP C 188 -17.50 -9.76 12.81
CA ASP C 188 -18.85 -9.39 12.38
C ASP C 188 -19.59 -10.62 11.86
N SER C 189 -20.91 -10.66 12.09
CA SER C 189 -21.72 -11.80 11.66
C SER C 189 -21.72 -12.08 10.16
N HIS C 190 -21.40 -11.08 9.34
CA HIS C 190 -21.38 -11.29 7.90
C HIS C 190 -20.16 -12.12 7.47
N ALA C 191 -19.08 -12.06 8.26
CA ALA C 191 -17.89 -12.83 7.93
C ALA C 191 -18.18 -14.28 8.28
N GLN C 192 -17.42 -15.21 7.72
CA GLN C 192 -17.64 -16.62 7.99
C GLN C 192 -17.35 -16.89 9.46
N TRP C 193 -18.23 -17.66 10.09
CA TRP C 193 -18.08 -17.99 11.49
C TRP C 193 -16.64 -18.32 11.89
N GLU C 194 -15.97 -19.14 11.08
CA GLU C 194 -14.61 -19.56 11.40
C GLU C 194 -13.62 -18.40 11.57
N ILE C 195 -13.67 -17.39 10.68
CA ILE C 195 -12.73 -16.29 10.84
C ILE C 195 -13.17 -15.36 11.97
N GLN C 196 -14.46 -15.40 12.30
CA GLN C 196 -14.98 -14.59 13.40
C GLN C 196 -14.29 -15.02 14.69
N GLN C 197 -14.14 -16.33 14.86
CA GLN C 197 -13.51 -16.88 16.06
C GLN C 197 -12.09 -16.35 16.20
N TYR C 198 -11.37 -16.29 15.08
CA TYR C 198 -10.01 -15.76 15.11
C TYR C 198 -10.03 -14.28 15.42
N ALA C 199 -10.96 -13.57 14.80
CA ALA C 199 -11.06 -12.13 15.01
C ALA C 199 -11.37 -11.80 16.47
N LEU C 200 -12.14 -12.66 17.13
CA LEU C 200 -12.46 -12.43 18.55
C LEU C 200 -11.19 -12.54 19.37
N ALA C 201 -10.32 -13.46 18.99
CA ALA C 201 -9.05 -13.68 19.69
C ALA C 201 -8.12 -12.49 19.48
N ILE C 202 -8.08 -11.99 18.24
CA ILE C 202 -7.25 -10.83 17.92
C ILE C 202 -7.76 -9.63 18.73
N ALA C 203 -9.09 -9.51 18.83
CA ALA C 203 -9.71 -8.42 19.58
C ALA C 203 -9.31 -8.45 21.06
N ARG C 204 -9.35 -9.65 21.65
CA ARG C 204 -8.98 -9.80 23.06
C ARG C 204 -7.56 -9.31 23.30
N ILE C 205 -6.63 -9.79 22.49
CA ILE C 205 -5.23 -9.40 22.60
C ILE C 205 -5.07 -7.89 22.43
N PHE C 206 -5.75 -7.34 21.41
CA PHE C 206 -5.69 -5.90 21.13
C PHE C 206 -6.17 -5.13 22.37
N LYS C 207 -7.29 -5.58 22.93
CA LYS C 207 -7.85 -4.94 24.10
C LYS C 207 -6.88 -4.97 25.28
N GLU C 208 -6.18 -6.08 25.45
CA GLU C 208 -5.22 -6.24 26.55
C GLU C 208 -4.02 -5.31 26.40
N LYS C 209 -3.52 -5.16 25.18
CA LYS C 209 -2.37 -4.30 24.95
C LYS C 209 -2.68 -2.82 24.78
N CYS C 210 -3.86 -2.51 24.25
CA CYS C 210 -4.28 -1.12 24.04
C CYS C 210 -5.71 -0.90 24.52
N PRO C 211 -5.93 -0.96 25.84
CA PRO C 211 -7.27 -0.77 26.40
C PRO C 211 -7.99 0.52 26.00
N TRP C 212 -7.28 1.65 26.00
CA TRP C 212 -7.92 2.91 25.66
C TRP C 212 -8.36 2.95 24.20
N THR C 213 -7.46 2.58 23.29
CA THR C 213 -7.77 2.59 21.87
C THR C 213 -8.93 1.64 21.61
N PHE C 214 -8.86 0.43 22.18
CA PHE C 214 -9.91 -0.55 21.97
C PHE C 214 -11.29 -0.06 22.44
N GLU C 215 -11.33 0.59 23.60
CA GLU C 215 -12.61 1.09 24.11
C GLU C 215 -13.15 2.22 23.23
N ALA C 216 -12.26 3.12 22.82
CA ALA C 216 -12.64 4.25 21.99
C ALA C 216 -13.12 3.73 20.63
N PHE C 217 -12.47 2.68 20.15
CA PHE C 217 -12.82 2.05 18.88
C PHE C 217 -14.25 1.52 18.96
N LEU C 218 -14.54 0.70 19.96
CA LEU C 218 -15.89 0.14 20.11
C LEU C 218 -16.94 1.25 20.25
N LYS C 219 -16.56 2.29 20.96
CA LYS C 219 -17.45 3.41 21.21
C LYS C 219 -17.74 4.29 20.00
N TYR C 220 -16.72 4.64 19.24
CA TYR C 220 -16.92 5.54 18.10
C TYR C 220 -16.73 5.05 16.68
N ALA C 221 -15.91 4.04 16.46
CA ALA C 221 -15.64 3.61 15.08
C ALA C 221 -16.05 2.19 14.68
N TYR C 222 -16.00 1.24 15.61
CA TYR C 222 -16.35 -0.14 15.30
C TYR C 222 -17.67 -0.26 14.54
N LYS C 223 -17.62 -0.91 13.38
CA LYS C 223 -18.79 -1.07 12.53
C LYS C 223 -19.41 -2.46 12.58
N GLY C 224 -18.73 -3.40 13.24
CA GLY C 224 -19.21 -4.75 13.34
C GLY C 224 -20.36 -4.94 14.30
N ASP C 225 -20.83 -6.18 14.45
CA ASP C 225 -21.96 -6.46 15.32
C ASP C 225 -21.77 -7.52 16.39
N ILE C 226 -20.54 -7.95 16.64
CA ILE C 226 -20.35 -8.96 17.68
C ILE C 226 -19.55 -8.49 18.89
N LEU C 227 -18.55 -7.64 18.67
CA LEU C 227 -17.74 -7.17 19.78
C LEU C 227 -18.50 -6.34 20.81
N LYS C 228 -19.60 -5.73 20.38
CA LYS C 228 -20.41 -4.91 21.28
C LYS C 228 -21.31 -5.82 22.12
N GLU C 229 -21.58 -7.01 21.62
CA GLU C 229 -22.42 -7.97 22.31
C GLU C 229 -21.61 -8.98 23.10
N VAL C 230 -20.38 -9.26 22.64
CA VAL C 230 -19.51 -10.22 23.31
C VAL C 230 -18.51 -9.52 24.22
N GLN C 231 -18.00 -10.25 25.20
CA GLN C 231 -17.02 -9.69 26.13
C GLN C 231 -15.59 -9.87 25.61
N VAL C 232 -14.80 -8.81 25.72
CA VAL C 232 -13.39 -8.76 25.28
C VAL C 232 -13.09 -9.31 23.90
N MET D 13 18.77 7.44 21.55
CA MET D 13 19.69 7.58 20.39
C MET D 13 19.24 8.74 19.51
N LYS D 14 20.05 9.80 19.47
CA LYS D 14 19.74 10.99 18.69
C LYS D 14 20.95 11.48 17.92
N ILE D 15 20.73 11.90 16.67
CA ILE D 15 21.80 12.39 15.82
C ILE D 15 21.40 13.75 15.22
N ASP D 16 22.26 14.75 15.38
CA ASP D 16 21.98 16.09 14.84
C ASP D 16 22.25 16.08 13.34
N ILE D 17 21.40 16.80 12.59
CA ILE D 17 21.53 16.87 11.14
C ILE D 17 21.43 18.33 10.73
N LEU D 18 22.20 18.73 9.73
CA LEU D 18 22.20 20.10 9.25
C LEU D 18 22.51 21.04 10.41
N ASP D 19 21.91 22.23 10.43
CA ASP D 19 22.17 23.20 11.48
C ASP D 19 21.24 23.13 12.69
N LYS D 20 19.98 22.73 12.46
CA LYS D 20 19.02 22.66 13.56
C LYS D 20 18.17 21.38 13.56
N GLY D 21 18.47 20.47 12.64
CA GLY D 21 17.70 19.24 12.56
C GLY D 21 18.22 18.07 13.37
N PHE D 22 17.47 16.97 13.36
CA PHE D 22 17.86 15.78 14.08
C PHE D 22 17.01 14.57 13.71
N VAL D 23 17.49 13.41 14.13
CA VAL D 23 16.79 12.15 13.93
C VAL D 23 16.96 11.42 15.25
N GLU D 24 15.84 11.05 15.89
CA GLU D 24 15.95 10.33 17.14
C GLU D 24 15.05 9.10 17.13
N LEU D 25 15.59 7.98 17.58
CA LEU D 25 14.85 6.73 17.62
C LEU D 25 13.85 6.80 18.76
N VAL D 26 12.58 6.58 18.44
CA VAL D 26 11.51 6.62 19.42
C VAL D 26 11.22 5.22 19.95
N ASP D 27 11.10 4.26 19.03
CA ASP D 27 10.79 2.90 19.41
C ASP D 27 11.23 1.97 18.30
N VAL D 28 11.28 0.68 18.63
CA VAL D 28 11.66 -0.34 17.68
C VAL D 28 11.01 -1.65 18.10
N MET D 29 10.54 -2.41 17.14
CA MET D 29 9.95 -3.70 17.43
C MET D 29 10.80 -4.75 16.73
N GLY D 30 11.35 -5.67 17.52
CA GLY D 30 12.16 -6.73 16.96
C GLY D 30 13.63 -6.44 16.73
N ASN D 31 14.29 -7.40 16.12
CA ASN D 31 15.71 -7.32 15.80
C ASN D 31 15.96 -8.30 14.67
N ASP D 32 17.23 -8.55 14.35
CA ASP D 32 17.56 -9.49 13.28
C ASP D 32 16.82 -10.81 13.37
N LEU D 33 16.65 -11.32 14.58
CA LEU D 33 15.96 -12.60 14.77
C LEU D 33 14.49 -12.51 14.42
N SER D 34 13.93 -11.30 14.46
CA SER D 34 12.52 -11.15 14.12
C SER D 34 12.30 -11.57 12.67
N ALA D 35 13.29 -11.27 11.82
CA ALA D 35 13.24 -11.62 10.41
C ALA D 35 13.43 -13.14 10.27
N VAL D 36 14.38 -13.66 11.03
CA VAL D 36 14.65 -15.11 11.02
C VAL D 36 13.41 -15.87 11.48
N ARG D 37 12.82 -15.44 12.58
CA ARG D 37 11.62 -16.08 13.12
C ARG D 37 10.52 -16.12 12.07
N ALA D 38 10.26 -14.98 11.46
CA ALA D 38 9.21 -14.86 10.44
C ALA D 38 9.48 -15.77 9.25
N ALA D 39 10.71 -15.72 8.73
CA ALA D 39 11.08 -16.52 7.58
C ALA D 39 11.02 -18.01 7.85
N ARG D 40 11.53 -18.43 9.01
CA ARG D 40 11.55 -19.83 9.39
C ARG D 40 10.18 -20.48 9.35
N VAL D 41 9.15 -19.72 9.69
CA VAL D 41 7.80 -20.23 9.66
C VAL D 41 7.41 -20.31 8.19
N SER D 42 8.14 -21.15 7.46
CA SER D 42 7.94 -21.38 6.03
C SER D 42 8.43 -22.80 5.73
N PHE D 43 9.45 -23.22 6.47
CA PHE D 43 10.01 -24.56 6.32
C PHE D 43 9.49 -25.35 7.52
N ASP D 44 8.47 -24.80 8.16
CA ASP D 44 7.85 -25.42 9.32
C ASP D 44 8.85 -25.51 10.47
N MET D 45 9.86 -24.64 10.43
CA MET D 45 10.90 -24.63 11.46
C MET D 45 10.71 -23.44 12.39
N ASP D 49 20.24 -20.85 16.50
CA ASP D 49 21.68 -20.95 16.26
C ASP D 49 22.21 -19.69 15.59
N GLU D 50 22.92 -18.87 16.36
CA GLU D 50 23.48 -17.62 15.88
C GLU D 50 24.20 -17.71 14.54
N GLU D 51 24.79 -18.87 14.26
CA GLU D 51 25.53 -19.03 13.01
C GLU D 51 24.63 -19.32 11.82
N ARG D 52 23.72 -20.28 11.99
CA ARG D 52 22.80 -20.64 10.92
C ARG D 52 21.80 -19.53 10.66
N ASP D 53 21.39 -18.84 11.72
CA ASP D 53 20.43 -17.76 11.59
C ASP D 53 21.01 -16.58 10.84
N ARG D 54 22.25 -16.23 11.15
CA ARG D 54 22.89 -15.12 10.48
C ARG D 54 23.05 -15.44 9.01
N HIS D 55 23.29 -16.72 8.71
CA HIS D 55 23.46 -17.16 7.34
C HIS D 55 22.12 -17.13 6.61
N LEU D 56 21.04 -17.30 7.37
CA LEU D 56 19.70 -17.28 6.80
C LEU D 56 19.45 -15.86 6.29
N ILE D 57 19.84 -14.87 7.09
CA ILE D 57 19.66 -13.47 6.71
C ILE D 57 20.41 -13.17 5.41
N GLU D 58 21.63 -13.66 5.29
CA GLU D 58 22.39 -13.43 4.07
C GLU D 58 21.66 -14.06 2.90
N TYR D 59 21.16 -15.28 3.12
CA TYR D 59 20.45 -16.00 2.09
C TYR D 59 19.23 -15.24 1.57
N LEU D 60 18.45 -14.69 2.50
CA LEU D 60 17.25 -13.93 2.15
C LEU D 60 17.61 -12.66 1.39
N MET D 61 18.60 -11.94 1.88
CA MET D 61 19.05 -10.70 1.28
C MET D 61 19.61 -10.95 -0.13
N LYS D 62 20.41 -12.00 -0.24
CA LYS D 62 21.03 -12.37 -1.49
C LYS D 62 20.04 -12.80 -2.58
N HIS D 63 18.97 -13.49 -2.18
CA HIS D 63 17.98 -13.98 -3.14
C HIS D 63 16.76 -13.09 -3.35
N GLY D 64 16.76 -11.92 -2.71
CA GLY D 64 15.64 -11.01 -2.87
C GLY D 64 14.37 -11.29 -2.07
N HIS D 65 14.44 -12.23 -1.13
CA HIS D 65 13.27 -12.54 -0.31
C HIS D 65 13.30 -11.55 0.86
N GLU D 66 12.71 -10.38 0.67
CA GLU D 66 12.74 -9.38 1.72
C GLU D 66 11.51 -9.26 2.60
N THR D 67 10.43 -9.99 2.28
CA THR D 67 9.24 -9.90 3.10
C THR D 67 9.49 -10.15 4.59
N PRO D 68 10.40 -11.07 4.94
CA PRO D 68 10.67 -11.34 6.35
C PRO D 68 11.11 -10.10 7.13
N PHE D 69 11.82 -9.21 6.45
CA PHE D 69 12.31 -8.00 7.08
C PHE D 69 11.23 -7.00 7.40
N GLU D 70 10.02 -7.24 6.91
CA GLU D 70 8.89 -6.35 7.17
C GLU D 70 8.41 -6.48 8.62
N HIS D 71 8.88 -7.52 9.29
CA HIS D 71 8.49 -7.79 10.66
C HIS D 71 9.34 -7.02 11.68
N ILE D 72 10.27 -6.23 11.18
CA ILE D 72 11.11 -5.40 12.04
C ILE D 72 10.58 -3.99 11.78
N VAL D 73 10.23 -3.25 12.82
CA VAL D 73 9.66 -1.92 12.63
C VAL D 73 10.31 -0.86 13.51
N PHE D 74 10.43 0.35 12.96
CA PHE D 74 11.02 1.48 13.67
C PHE D 74 10.08 2.69 13.70
N THR D 75 10.25 3.50 14.72
CA THR D 75 9.51 4.74 14.86
C THR D 75 10.57 5.79 15.14
N PHE D 76 10.68 6.77 14.25
CA PHE D 76 11.67 7.82 14.43
C PHE D 76 10.94 9.15 14.64
N HIS D 77 11.63 10.09 15.25
CA HIS D 77 11.12 11.43 15.46
C HIS D 77 12.14 12.25 14.66
N VAL D 78 11.66 12.95 13.64
CA VAL D 78 12.55 13.72 12.77
C VAL D 78 12.25 15.22 12.73
N LYS D 79 13.31 16.01 12.63
CA LYS D 79 13.20 17.47 12.54
C LYS D 79 14.02 17.83 11.30
N ALA D 80 13.32 18.32 10.29
CA ALA D 80 13.97 18.66 9.04
C ALA D 80 13.25 19.79 8.31
N PRO D 81 13.93 20.44 7.36
CA PRO D 81 13.35 21.53 6.58
C PRO D 81 12.23 20.94 5.73
N ILE D 82 11.21 21.73 5.44
CA ILE D 82 10.10 21.22 4.65
C ILE D 82 10.49 20.62 3.30
N PHE D 83 11.40 21.27 2.57
CA PHE D 83 11.80 20.75 1.26
C PHE D 83 12.38 19.33 1.37
N VAL D 84 12.94 19.01 2.53
CA VAL D 84 13.48 17.68 2.77
C VAL D 84 12.31 16.75 3.09
N ALA D 85 11.40 17.20 3.94
CA ALA D 85 10.24 16.41 4.32
C ALA D 85 9.36 16.07 3.11
N ARG D 86 9.30 16.98 2.14
CA ARG D 86 8.47 16.71 0.95
C ARG D 86 9.01 15.53 0.18
N GLN D 87 10.32 15.39 0.14
CA GLN D 87 10.92 14.27 -0.58
C GLN D 87 10.73 13.00 0.24
N TRP D 88 10.93 13.12 1.54
CA TRP D 88 10.80 12.00 2.46
C TRP D 88 9.39 11.41 2.44
N PHE D 89 8.40 12.29 2.55
CA PHE D 89 6.99 11.88 2.56
C PHE D 89 6.52 11.20 1.29
N ARG D 90 7.37 11.19 0.26
CA ARG D 90 7.00 10.51 -0.98
C ARG D 90 7.08 9.00 -0.78
N HIS D 91 7.73 8.57 0.30
CA HIS D 91 7.84 7.14 0.62
C HIS D 91 6.53 6.70 1.26
N ARG D 92 5.64 6.16 0.42
CA ARG D 92 4.30 5.76 0.84
C ARG D 92 4.14 4.55 1.74
N ILE D 93 5.11 3.64 1.71
CA ILE D 93 5.01 2.46 2.56
C ILE D 93 5.63 2.80 3.92
N ALA D 94 4.91 3.60 4.68
CA ALA D 94 5.34 4.04 6.00
C ALA D 94 4.20 4.87 6.58
N SER D 95 4.32 5.26 7.85
CA SER D 95 3.30 6.05 8.52
C SER D 95 3.93 7.34 8.99
N TYR D 96 3.18 8.45 8.88
CA TYR D 96 3.68 9.77 9.27
C TYR D 96 2.65 10.56 10.06
N ASN D 97 3.15 11.49 10.86
CA ASN D 97 2.35 12.43 11.64
C ASN D 97 3.30 13.60 11.84
N GLU D 98 2.89 14.75 11.31
CA GLU D 98 3.72 15.95 11.35
C GLU D 98 3.03 17.15 12.00
N LEU D 99 3.85 18.11 12.45
CA LEU D 99 3.34 19.33 13.05
C LEU D 99 2.52 20.09 12.02
N SER D 100 1.41 20.70 12.47
CA SER D 100 0.54 21.43 11.57
C SER D 100 0.75 22.94 11.56
N GLY D 101 0.93 23.48 10.36
CA GLY D 101 1.13 24.91 10.20
C GLY D 101 -0.20 25.65 10.24
N ARG D 102 -1.32 24.93 10.27
CA ARG D 102 -2.60 25.60 10.34
C ARG D 102 -3.19 25.50 11.74
N TYR D 103 -2.67 24.56 12.52
CA TYR D 103 -3.15 24.36 13.88
C TYR D 103 -2.25 24.97 14.95
N SER D 104 -0.95 25.07 14.66
CA SER D 104 -0.03 25.64 15.63
C SER D 104 0.80 26.77 15.04
N LYS D 105 1.35 27.60 15.92
CA LYS D 105 2.18 28.72 15.49
C LYS D 105 3.54 28.11 15.20
N LEU D 106 4.07 28.39 14.00
CA LEU D 106 5.35 27.84 13.61
C LEU D 106 6.53 28.58 14.26
N SER D 107 7.51 27.81 14.69
CA SER D 107 8.69 28.36 15.35
C SER D 107 9.67 28.99 14.36
N TYR D 108 10.34 30.06 14.81
CA TYR D 108 11.32 30.74 13.98
C TYR D 108 12.55 29.85 13.85
N GLU D 109 12.44 28.82 13.02
CA GLU D 109 13.56 27.91 12.80
C GLU D 109 13.64 27.56 11.32
N PHE D 110 14.77 27.92 10.71
CA PHE D 110 14.97 27.69 9.29
C PHE D 110 16.35 27.10 9.03
N TYR D 111 16.44 26.31 7.97
CA TYR D 111 17.71 25.71 7.58
C TYR D 111 18.53 26.72 6.81
N ILE D 112 19.67 27.12 7.36
CA ILE D 112 20.55 28.04 6.68
C ILE D 112 21.76 27.22 6.25
N PRO D 113 21.97 27.05 4.94
CA PRO D 113 23.10 26.28 4.43
C PRO D 113 24.43 26.85 4.92
N SER D 114 25.38 25.96 5.23
CA SER D 114 26.68 26.42 5.67
C SER D 114 27.44 26.82 4.42
N PRO D 115 28.47 27.68 4.57
CA PRO D 115 29.26 28.11 3.41
C PRO D 115 29.82 26.93 2.62
N GLU D 116 30.14 25.87 3.34
CA GLU D 116 30.70 24.66 2.75
C GLU D 116 29.73 23.99 1.76
N ARG D 117 28.44 24.21 1.98
CA ARG D 117 27.42 23.63 1.11
C ARG D 117 27.68 23.96 -0.37
N LEU D 118 28.11 25.19 -0.62
CA LEU D 118 28.37 25.63 -1.99
C LEU D 118 29.73 25.22 -2.53
N GLU D 119 30.51 24.51 -1.73
CA GLU D 119 31.83 24.07 -2.17
C GLU D 119 31.72 23.22 -3.43
N GLY D 120 32.58 23.49 -4.40
CA GLY D 120 32.53 22.76 -5.64
C GLY D 120 31.74 23.54 -6.66
N TYR D 121 31.29 24.73 -6.26
CA TYR D 121 30.52 25.59 -7.14
C TYR D 121 31.14 26.98 -7.14
N LYS D 122 31.50 27.47 -8.33
CA LYS D 122 32.08 28.80 -8.45
C LYS D 122 30.93 29.79 -8.62
N THR D 123 30.60 30.48 -7.54
CA THR D 123 29.50 31.44 -7.55
C THR D 123 29.93 32.89 -7.75
N THR D 124 29.04 33.69 -8.33
CA THR D 124 29.30 35.09 -8.59
C THR D 124 29.54 35.86 -7.30
N ILE D 125 29.18 35.26 -6.17
CA ILE D 125 29.38 35.90 -4.88
C ILE D 125 29.87 34.87 -3.87
N PRO D 126 30.68 35.32 -2.89
CA PRO D 126 31.21 34.41 -1.88
C PRO D 126 30.10 33.63 -1.17
N PRO D 127 30.37 32.37 -0.81
CA PRO D 127 29.38 31.53 -0.13
C PRO D 127 28.75 32.25 1.06
N GLU D 128 29.59 32.89 1.87
CA GLU D 128 29.13 33.62 3.04
C GLU D 128 28.00 34.58 2.68
N ARG D 129 28.09 35.18 1.49
CA ARG D 129 27.07 36.11 1.03
C ARG D 129 25.77 35.38 0.75
N VAL D 130 25.88 34.19 0.17
CA VAL D 130 24.71 33.37 -0.14
C VAL D 130 23.98 33.05 1.16
N THR D 131 24.75 32.74 2.19
CA THR D 131 24.21 32.44 3.51
C THR D 131 23.39 33.64 4.00
N GLU D 132 23.93 34.83 3.81
CA GLU D 132 23.27 36.06 4.23
C GLU D 132 21.96 36.28 3.48
N LYS D 133 22.03 36.14 2.15
CA LYS D 133 20.85 36.33 1.31
C LYS D 133 19.70 35.45 1.81
N ILE D 134 19.97 34.16 2.03
CA ILE D 134 18.96 33.22 2.49
C ILE D 134 18.44 33.60 3.87
N SER D 135 19.35 33.98 4.76
CA SER D 135 18.94 34.37 6.11
C SER D 135 18.09 35.63 6.04
N GLU D 136 18.38 36.50 5.07
CA GLU D 136 17.64 37.74 4.89
C GLU D 136 16.17 37.44 4.57
N ILE D 137 15.95 36.67 3.52
CA ILE D 137 14.60 36.28 3.11
C ILE D 137 13.85 35.65 4.27
N VAL D 138 14.49 34.67 4.90
CA VAL D 138 13.89 33.98 6.04
C VAL D 138 13.38 35.00 7.06
N ASP D 139 14.24 35.95 7.43
CA ASP D 139 13.87 36.98 8.39
C ASP D 139 12.67 37.84 7.95
N LYS D 140 12.67 38.25 6.68
CA LYS D 140 11.59 39.09 6.15
C LYS D 140 10.26 38.31 6.09
N ALA D 141 10.35 37.08 5.61
CA ALA D 141 9.17 36.22 5.49
C ALA D 141 8.56 35.96 6.86
N TYR D 142 9.40 35.60 7.83
CA TYR D 142 8.90 35.30 9.16
C TYR D 142 8.23 36.52 9.78
N ARG D 143 8.82 37.69 9.59
CA ARG D 143 8.25 38.91 10.14
C ARG D 143 6.88 39.17 9.52
N THR D 144 6.78 39.00 8.20
CA THR D 144 5.51 39.20 7.51
C THR D 144 4.52 38.22 8.12
N TYR D 145 4.96 36.99 8.30
CA TYR D 145 4.13 35.93 8.87
C TYR D 145 3.54 36.40 10.21
N LEU D 146 4.41 36.83 11.12
CA LEU D 146 3.98 37.29 12.43
C LEU D 146 3.02 38.47 12.35
N GLU D 147 3.29 39.40 11.43
CA GLU D 147 2.44 40.56 11.26
C GLU D 147 1.03 40.14 10.87
N LEU D 148 0.94 39.27 9.87
CA LEU D 148 -0.35 38.78 9.39
C LEU D 148 -1.17 38.16 10.51
N ILE D 149 -0.54 37.30 11.32
CA ILE D 149 -1.23 36.68 12.42
C ILE D 149 -1.76 37.73 13.38
N GLU D 150 -0.86 38.59 13.86
CA GLU D 150 -1.24 39.65 14.79
C GLU D 150 -2.31 40.53 14.16
N SER D 151 -2.30 40.63 12.83
CA SER D 151 -3.27 41.44 12.12
C SER D 151 -4.63 40.76 12.10
N GLY D 152 -4.67 39.47 12.44
CA GLY D 152 -5.92 38.75 12.45
C GLY D 152 -6.08 37.66 11.41
N VAL D 153 -5.10 37.53 10.50
CA VAL D 153 -5.17 36.50 9.46
C VAL D 153 -4.99 35.11 10.06
N PRO D 154 -5.86 34.15 9.70
CA PRO D 154 -5.74 32.79 10.25
C PRO D 154 -4.37 32.18 9.93
N ARG D 155 -3.85 31.39 10.86
CA ARG D 155 -2.55 30.75 10.70
C ARG D 155 -2.39 30.00 9.37
N GLU D 156 -3.43 29.28 8.96
CA GLU D 156 -3.36 28.50 7.73
C GLU D 156 -3.12 29.34 6.49
N VAL D 157 -3.39 30.63 6.58
CA VAL D 157 -3.19 31.53 5.46
C VAL D 157 -1.86 32.25 5.60
N ALA D 158 -1.61 32.75 6.81
CA ALA D 158 -0.39 33.49 7.12
C ALA D 158 0.90 32.72 6.78
N ARG D 159 0.92 31.42 7.07
CA ARG D 159 2.12 30.62 6.81
C ARG D 159 2.48 30.39 5.36
N ILE D 160 1.60 30.73 4.43
CA ILE D 160 1.93 30.49 3.03
C ILE D 160 3.10 31.34 2.54
N VAL D 161 3.45 32.39 3.28
CA VAL D 161 4.58 33.22 2.87
C VAL D 161 5.91 32.67 3.40
N LEU D 162 5.83 31.68 4.29
CA LEU D 162 7.05 31.09 4.86
C LEU D 162 7.79 30.22 3.82
N PRO D 163 9.12 30.34 3.77
CA PRO D 163 9.97 29.59 2.84
C PRO D 163 10.14 28.09 3.12
N LEU D 164 10.50 27.36 2.07
CA LEU D 164 10.70 25.91 2.13
C LEU D 164 11.75 25.39 3.10
N ASN D 165 12.64 26.25 3.56
CA ASN D 165 13.68 25.81 4.49
C ASN D 165 13.21 25.87 5.95
N LEU D 166 11.92 26.16 6.13
CA LEU D 166 11.33 26.22 7.47
C LEU D 166 11.35 24.81 8.04
N TYR D 167 11.80 24.67 9.29
CA TYR D 167 11.85 23.36 9.93
C TYR D 167 10.48 22.87 10.38
N THR D 168 10.27 21.55 10.27
CA THR D 168 9.04 20.91 10.69
C THR D 168 9.48 19.64 11.41
N ARG D 169 8.57 19.01 12.13
CA ARG D 169 8.87 17.78 12.86
C ARG D 169 7.80 16.75 12.62
N PHE D 170 8.19 15.48 12.58
CA PHE D 170 7.24 14.42 12.35
C PHE D 170 7.71 13.08 12.91
N PHE D 171 6.74 12.20 13.12
CA PHE D 171 7.00 10.85 13.59
C PHE D 171 6.92 10.00 12.34
N TRP D 172 7.83 9.04 12.23
CA TRP D 172 7.92 8.16 11.08
C TRP D 172 8.03 6.71 11.54
N THR D 173 7.03 5.91 11.20
CA THR D 173 7.05 4.49 11.55
C THR D 173 7.18 3.77 10.22
N VAL D 174 8.21 2.94 10.12
CA VAL D 174 8.52 2.24 8.88
C VAL D 174 9.17 0.88 9.18
N ASN D 175 8.87 -0.13 8.37
CA ASN D 175 9.50 -1.42 8.63
C ASN D 175 10.84 -1.49 7.92
N ALA D 176 11.67 -2.47 8.30
CA ALA D 176 13.01 -2.62 7.74
C ALA D 176 13.08 -2.73 6.22
N ARG D 177 12.07 -3.34 5.61
CA ARG D 177 12.08 -3.48 4.17
C ARG D 177 11.92 -2.12 3.51
N SER D 178 10.89 -1.37 3.89
CA SER D 178 10.69 -0.04 3.30
C SER D 178 11.86 0.86 3.65
N LEU D 179 12.44 0.64 4.82
CA LEU D 179 13.58 1.44 5.26
C LEU D 179 14.78 1.23 4.35
N MET D 180 14.98 -0.01 3.91
CA MET D 180 16.10 -0.31 3.01
C MET D 180 15.86 0.31 1.64
N ASN D 181 14.60 0.42 1.24
CA ASN D 181 14.30 1.04 -0.05
C ASN D 181 14.65 2.53 0.08
N PHE D 182 14.30 3.09 1.24
CA PHE D 182 14.58 4.49 1.56
C PHE D 182 16.08 4.77 1.46
N LEU D 183 16.88 3.88 2.05
CA LEU D 183 18.34 4.04 2.04
C LEU D 183 18.91 3.88 0.62
N ASN D 184 18.32 2.99 -0.18
CA ASN D 184 18.79 2.79 -1.54
C ASN D 184 18.65 4.08 -2.34
N LEU D 185 17.56 4.80 -2.09
CA LEU D 185 17.24 6.03 -2.80
C LEU D 185 17.73 7.33 -2.20
N ARG D 186 17.76 7.41 -0.88
CA ARG D 186 18.18 8.64 -0.21
C ARG D 186 19.63 8.64 0.25
N ALA D 187 20.17 7.48 0.59
CA ALA D 187 21.57 7.37 0.99
C ALA D 187 22.28 7.08 -0.33
N ASP D 188 22.22 8.06 -1.22
CA ASP D 188 22.80 7.96 -2.56
C ASP D 188 23.13 9.37 -3.07
N SER D 189 24.22 9.49 -3.82
CA SER D 189 24.67 10.77 -4.36
C SER D 189 23.67 11.48 -5.27
N HIS D 190 22.75 10.72 -5.86
CA HIS D 190 21.76 11.29 -6.75
C HIS D 190 20.68 12.08 -5.97
N ALA D 191 20.49 11.70 -4.71
CA ALA D 191 19.50 12.38 -3.86
C ALA D 191 20.10 13.70 -3.39
N GLN D 192 19.25 14.66 -3.04
CA GLN D 192 19.75 15.95 -2.57
C GLN D 192 20.59 15.74 -1.31
N TRP D 193 21.76 16.37 -1.27
CA TRP D 193 22.69 16.26 -0.15
C TRP D 193 22.00 16.34 1.20
N GLU D 194 21.12 17.33 1.36
CA GLU D 194 20.41 17.50 2.62
C GLU D 194 19.71 16.24 3.12
N ILE D 195 18.96 15.56 2.26
CA ILE D 195 18.28 14.36 2.74
C ILE D 195 19.29 13.22 2.89
N GLN D 196 20.37 13.27 2.12
CA GLN D 196 21.41 12.25 2.22
C GLN D 196 21.87 12.17 3.67
N GLN D 197 22.08 13.36 4.26
CA GLN D 197 22.53 13.46 5.64
C GLN D 197 21.58 12.78 6.59
N TYR D 198 20.28 12.96 6.40
CA TYR D 198 19.30 12.32 7.26
C TYR D 198 19.36 10.80 7.07
N ALA D 199 19.48 10.37 5.82
CA ALA D 199 19.56 8.95 5.50
C ALA D 199 20.77 8.29 6.18
N LEU D 200 21.90 9.00 6.21
CA LEU D 200 23.09 8.45 6.86
C LEU D 200 22.78 8.22 8.32
N ALA D 201 21.98 9.11 8.91
CA ALA D 201 21.59 8.97 10.30
C ALA D 201 20.68 7.78 10.49
N ILE D 202 19.72 7.60 9.58
CA ILE D 202 18.78 6.49 9.64
C ILE D 202 19.53 5.17 9.53
N ALA D 203 20.47 5.10 8.59
CA ALA D 203 21.27 3.90 8.39
C ALA D 203 22.05 3.57 9.65
N ARG D 204 22.63 4.60 10.27
CA ARG D 204 23.41 4.41 11.49
C ARG D 204 22.56 3.72 12.56
N ILE D 205 21.37 4.26 12.80
CA ILE D 205 20.48 3.68 13.79
C ILE D 205 20.04 2.29 13.40
N PHE D 206 19.76 2.10 12.12
CA PHE D 206 19.35 0.80 11.61
C PHE D 206 20.46 -0.23 11.88
N LYS D 207 21.71 0.16 11.63
CA LYS D 207 22.85 -0.72 11.85
C LYS D 207 22.94 -1.12 13.32
N GLU D 208 22.77 -0.15 14.21
CA GLU D 208 22.84 -0.39 15.65
C GLU D 208 21.82 -1.41 16.14
N LYS D 209 20.59 -1.33 15.64
CA LYS D 209 19.53 -2.24 16.07
C LYS D 209 19.47 -3.57 15.33
N CYS D 210 19.90 -3.58 14.06
CA CYS D 210 19.88 -4.80 13.26
C CYS D 210 21.20 -4.97 12.51
N PRO D 211 22.29 -5.25 13.24
CA PRO D 211 23.61 -5.42 12.63
C PRO D 211 23.70 -6.46 11.52
N TRP D 212 23.12 -7.63 11.74
CA TRP D 212 23.17 -8.69 10.74
C TRP D 212 22.43 -8.29 9.47
N THR D 213 21.24 -7.74 9.63
CA THR D 213 20.45 -7.33 8.47
C THR D 213 21.15 -6.20 7.73
N PHE D 214 21.64 -5.21 8.46
CA PHE D 214 22.33 -4.10 7.84
C PHE D 214 23.58 -4.57 7.10
N GLU D 215 24.35 -5.43 7.75
CA GLU D 215 25.56 -5.96 7.16
C GLU D 215 25.24 -6.69 5.86
N ALA D 216 24.24 -7.56 5.91
CA ALA D 216 23.84 -8.32 4.73
C ALA D 216 23.31 -7.37 3.66
N PHE D 217 22.57 -6.36 4.09
CA PHE D 217 22.01 -5.38 3.16
C PHE D 217 23.14 -4.73 2.35
N LEU D 218 24.12 -4.16 3.06
CA LEU D 218 25.25 -3.51 2.39
C LEU D 218 25.98 -4.44 1.41
N LYS D 219 26.12 -5.69 1.81
CA LYS D 219 26.83 -6.67 0.99
C LYS D 219 26.13 -7.17 -0.26
N TYR D 220 24.83 -7.41 -0.18
CA TYR D 220 24.13 -7.97 -1.33
C TYR D 220 22.98 -7.19 -1.95
N ALA D 221 22.39 -6.25 -1.23
CA ALA D 221 21.24 -5.53 -1.78
C ALA D 221 21.37 -4.02 -1.97
N TYR D 222 22.00 -3.34 -1.01
CA TYR D 222 22.16 -1.89 -1.10
C TYR D 222 22.58 -1.43 -2.49
N LYS D 223 21.78 -0.56 -3.09
CA LYS D 223 22.02 -0.06 -4.44
C LYS D 223 22.63 1.35 -4.48
N GLY D 224 22.73 1.99 -3.33
CA GLY D 224 23.29 3.33 -3.27
C GLY D 224 24.81 3.31 -3.33
N ASP D 225 25.43 4.47 -3.15
CA ASP D 225 26.88 4.54 -3.17
C ASP D 225 27.55 5.03 -1.89
N ILE D 226 27.00 6.07 -1.29
CA ILE D 226 27.60 6.66 -0.09
C ILE D 226 27.74 5.81 1.16
N LEU D 227 26.84 4.85 1.40
CA LEU D 227 26.96 4.03 2.60
C LEU D 227 28.21 3.13 2.54
N LYS D 228 28.70 2.90 1.33
CA LYS D 228 29.88 2.07 1.14
C LYS D 228 31.15 2.89 1.04
N GLU D 229 31.12 4.10 1.62
CA GLU D 229 32.28 4.98 1.61
C GLU D 229 32.31 5.89 2.83
N VAL D 230 31.29 5.76 3.69
CA VAL D 230 31.20 6.58 4.89
C VAL D 230 31.02 5.67 6.11
#